data_4JYC
#
_entry.id   4JYC
#
_cell.length_a   185.463
_cell.length_b   58.377
_cell.length_c   155.280
_cell.angle_alpha   90.00
_cell.angle_beta   110.07
_cell.angle_gamma   90.00
#
_symmetry.space_group_name_H-M   'C 1 2 1'
#
loop_
_entity.id
_entity.type
_entity.pdbx_description
1 polymer 'Methylmalonyl-CoA mutase accessory protein'
2 non-polymer "GUANOSINE-5'-DIPHOSPHATE"
3 water water
#
_entity_poly.entity_id   1
_entity_poly.type   'polypeptide(L)'
_entity_poly.pdbx_seq_one_letter_code
;MSATLPDMDTLRERLLAGDRAALARAITLAESRRADHRAAVRDLIDAVLPQTGRAIRVGITGVPGVGKSTTIDALGSLLT
AAGHKVAVLAVDPSSTRTGGSILGDKTRMARLAIDRNAFIRPSPSSGTLGGVAAKTRETMLLCEAAGFDVILVETVGVGQ
SETAVADLTDFFLVLMLPGAGDELQGIKKGIFELADMIAVNKADDGDGERRASAAASEYRAALHILTPPSATWTPPVVTI
SGLHGKGLDSLWSRIEDHRSKLTATGEIAGKRREQDVKWMWALVHERLHQRLVGSAEVRQATAEAERAVAGGEHSPAAGA
DAIATLIGLLEHHHHHH
;
_entity_poly.pdbx_strand_id   A,B,C,D
#
loop_
_chem_comp.id
_chem_comp.type
_chem_comp.name
_chem_comp.formula
GDP RNA linking GUANOSINE-5'-DIPHOSPHATE 'C10 H15 N5 O11 P2'
#
# COMPACT_ATOMS: atom_id res chain seq x y z
N PRO A 6 29.11 5.46 -55.24
CA PRO A 6 29.64 4.33 -54.47
C PRO A 6 29.00 3.00 -54.89
N ASP A 7 29.81 2.03 -55.27
CA ASP A 7 29.28 0.74 -55.75
C ASP A 7 28.43 0.09 -54.64
N MET A 8 27.13 -0.09 -54.89
CA MET A 8 26.22 -0.61 -53.87
C MET A 8 26.33 -2.12 -53.60
N ASP A 9 26.65 -2.92 -54.62
CA ASP A 9 26.80 -4.39 -54.41
C ASP A 9 28.03 -4.69 -53.57
N THR A 10 29.13 -4.03 -53.89
CA THR A 10 30.37 -4.15 -53.11
C THR A 10 30.15 -3.64 -51.68
N LEU A 11 29.35 -2.59 -51.55
CA LEU A 11 29.06 -2.04 -50.23
C LEU A 11 28.33 -3.13 -49.42
N ARG A 12 27.29 -3.71 -50.03
CA ARG A 12 26.51 -4.79 -49.43
C ARG A 12 27.37 -5.99 -48.98
N GLU A 13 28.27 -6.46 -49.84
CA GLU A 13 29.13 -7.61 -49.52
C GLU A 13 30.09 -7.32 -48.36
N ARG A 14 30.67 -6.11 -48.32
CA ARG A 14 31.54 -5.75 -47.19
C ARG A 14 30.76 -5.60 -45.89
N LEU A 15 29.59 -4.98 -45.99
CA LEU A 15 28.68 -4.90 -44.84
C LEU A 15 28.33 -6.31 -44.33
N LEU A 16 27.87 -7.20 -45.21
CA LEU A 16 27.58 -8.59 -44.85
C LEU A 16 28.80 -9.38 -44.32
N ALA A 17 30.01 -8.94 -44.69
CA ALA A 17 31.23 -9.56 -44.16
C ALA A 17 31.76 -8.87 -42.89
N GLY A 18 30.97 -7.95 -42.33
CA GLY A 18 31.29 -7.35 -41.05
C GLY A 18 32.22 -6.16 -41.14
N ASP A 19 32.39 -5.61 -42.34
CA ASP A 19 33.27 -4.47 -42.53
C ASP A 19 32.67 -3.23 -41.87
N ARG A 20 33.30 -2.75 -40.81
CA ARG A 20 32.76 -1.65 -40.02
C ARG A 20 32.61 -0.32 -40.77
N ALA A 21 33.48 -0.07 -41.75
CA ALA A 21 33.43 1.17 -42.53
C ALA A 21 32.37 1.08 -43.61
N ALA A 22 32.13 -0.15 -44.10
CA ALA A 22 31.03 -0.35 -45.04
C ALA A 22 29.69 -0.13 -44.31
N LEU A 23 29.59 -0.63 -43.09
CA LEU A 23 28.40 -0.43 -42.29
C LEU A 23 28.16 1.06 -42.03
N ALA A 24 29.18 1.77 -41.59
CA ALA A 24 29.09 3.22 -41.33
C ALA A 24 28.68 3.99 -42.56
N ARG A 25 29.18 3.54 -43.72
CA ARG A 25 28.90 4.21 -44.98
C ARG A 25 27.43 4.05 -45.35
N ALA A 26 26.93 2.81 -45.24
CA ALA A 26 25.52 2.53 -45.50
C ALA A 26 24.60 3.30 -44.54
N ILE A 27 24.97 3.41 -43.28
CA ILE A 27 24.17 4.09 -42.28
C ILE A 27 24.14 5.57 -42.60
N THR A 28 25.29 6.08 -43.02
CA THR A 28 25.41 7.47 -43.41
C THR A 28 24.47 7.79 -44.56
N LEU A 29 24.44 6.90 -45.56
CA LEU A 29 23.48 7.02 -46.65
C LEU A 29 22.04 6.98 -46.15
N ALA A 30 21.75 6.10 -45.20
CA ALA A 30 20.40 5.97 -44.68
C ALA A 30 20.03 7.19 -43.81
N GLU A 31 20.98 7.66 -43.02
CA GLU A 31 20.79 8.88 -42.21
C GLU A 31 20.65 10.14 -43.05
N SER A 32 21.13 10.11 -44.31
CA SER A 32 21.27 11.34 -45.06
C SER A 32 19.95 12.11 -45.12
N ARG A 33 20.04 13.43 -45.23
CA ARG A 33 18.86 14.26 -45.41
C ARG A 33 18.57 14.44 -46.89
N ARG A 34 19.42 13.91 -47.76
CA ARG A 34 19.20 14.00 -49.22
C ARG A 34 18.40 12.82 -49.71
N ALA A 35 17.36 13.08 -50.51
CA ALA A 35 16.47 12.03 -51.00
C ALA A 35 17.18 10.99 -51.88
N ASP A 36 18.10 11.42 -52.74
CA ASP A 36 18.77 10.48 -53.64
C ASP A 36 19.66 9.50 -52.85
N HIS A 37 20.19 9.99 -51.72
CA HIS A 37 21.04 9.15 -50.89
C HIS A 37 20.20 8.10 -50.20
N ARG A 38 19.13 8.53 -49.52
CA ARG A 38 18.20 7.60 -48.90
C ARG A 38 17.73 6.54 -49.92
N ALA A 39 17.32 6.99 -51.10
CA ALA A 39 16.78 6.07 -52.09
C ALA A 39 17.78 4.97 -52.44
N ALA A 40 19.03 5.34 -52.65
CA ALA A 40 20.07 4.36 -53.03
C ALA A 40 20.18 3.20 -52.04
N VAL A 41 20.27 3.52 -50.76
CA VAL A 41 20.46 2.49 -49.76
C VAL A 41 19.14 1.86 -49.32
N ARG A 42 18.09 2.09 -50.11
CA ARG A 42 16.76 1.58 -49.80
C ARG A 42 16.70 0.15 -50.26
N ASP A 43 17.18 -0.08 -51.48
CA ASP A 43 17.32 -1.41 -52.05
C ASP A 43 18.28 -2.30 -51.28
N LEU A 44 19.31 -1.71 -50.70
CA LEU A 44 20.32 -2.52 -50.06
C LEU A 44 19.77 -3.13 -48.75
N ILE A 45 19.00 -2.32 -48.03
CA ILE A 45 18.40 -2.72 -46.78
C ILE A 45 17.35 -3.82 -46.99
N ASP A 46 16.53 -3.66 -48.02
CA ASP A 46 15.57 -4.67 -48.39
C ASP A 46 16.24 -5.95 -48.73
N ALA A 47 17.23 -5.86 -49.59
CA ALA A 47 18.00 -7.02 -49.99
C ALA A 47 18.54 -7.79 -48.80
N VAL A 48 19.01 -7.06 -47.79
CA VAL A 48 19.66 -7.66 -46.65
C VAL A 48 18.68 -8.02 -45.50
N LEU A 49 17.39 -7.73 -45.70
CA LEU A 49 16.38 -7.91 -44.65
C LEU A 49 16.33 -9.30 -44.01
N PRO A 50 16.42 -10.36 -44.82
CA PRO A 50 16.38 -11.68 -44.19
C PRO A 50 17.53 -12.00 -43.25
N GLN A 51 18.60 -11.21 -43.30
CA GLN A 51 19.72 -11.35 -42.37
C GLN A 51 19.59 -10.43 -41.17
N THR A 52 18.43 -9.79 -40.99
CA THR A 52 18.29 -8.91 -39.86
C THR A 52 17.50 -9.63 -38.77
N GLY A 53 17.38 -9.00 -37.61
CA GLY A 53 16.53 -9.49 -36.54
C GLY A 53 17.13 -10.42 -35.51
N ARG A 54 18.32 -10.97 -35.74
CA ARG A 54 18.88 -11.97 -34.82
C ARG A 54 19.68 -11.24 -33.77
N ALA A 55 18.99 -10.55 -32.90
CA ALA A 55 19.64 -9.67 -31.97
C ALA A 55 18.70 -9.33 -30.83
N ILE A 56 19.27 -8.99 -29.68
CA ILE A 56 18.46 -8.42 -28.61
C ILE A 56 18.48 -6.91 -28.74
N ARG A 57 17.27 -6.35 -28.85
CA ARG A 57 17.12 -4.93 -28.95
C ARG A 57 16.67 -4.41 -27.60
N VAL A 58 17.47 -3.56 -26.98
CA VAL A 58 17.19 -3.06 -25.65
C VAL A 58 17.22 -1.56 -25.61
N GLY A 59 16.18 -0.96 -25.04
CA GLY A 59 16.11 0.47 -24.95
C GLY A 59 16.44 0.84 -23.53
N ILE A 60 17.17 1.93 -23.37
CA ILE A 60 17.70 2.27 -22.07
C ILE A 60 17.51 3.74 -21.86
N THR A 61 16.89 4.08 -20.74
CA THR A 61 16.72 5.45 -20.36
C THR A 61 17.04 5.58 -18.87
N GLY A 62 17.24 6.81 -18.44
CA GLY A 62 17.54 7.06 -17.02
C GLY A 62 17.35 8.50 -16.59
N VAL A 63 17.10 8.67 -15.29
CA VAL A 63 16.88 9.99 -14.68
C VAL A 63 18.10 10.88 -14.90
N PRO A 64 17.87 12.18 -15.15
CA PRO A 64 19.02 13.09 -15.19
C PRO A 64 19.82 13.03 -13.89
N GLY A 65 21.08 12.62 -14.01
CA GLY A 65 21.97 12.54 -12.87
C GLY A 65 22.93 11.39 -13.07
N VAL A 66 22.63 10.30 -12.40
CA VAL A 66 23.64 9.33 -12.24
C VAL A 66 23.41 8.01 -12.99
N GLY A 67 24.23 7.91 -14.02
CA GLY A 67 25.17 6.87 -14.27
C GLY A 67 24.91 6.14 -15.52
N LYS A 68 24.11 6.71 -16.38
CA LYS A 68 23.67 5.99 -17.56
C LYS A 68 24.81 5.67 -18.48
N SER A 69 25.57 6.67 -18.92
CA SER A 69 26.73 6.40 -19.78
C SER A 69 27.66 5.32 -19.22
N THR A 70 28.05 5.45 -17.94
CA THR A 70 29.03 4.53 -17.36
C THR A 70 28.40 3.15 -17.17
N THR A 71 27.11 3.11 -16.87
CA THR A 71 26.38 1.82 -16.84
C THR A 71 26.33 1.14 -18.20
N ILE A 72 26.04 1.89 -19.25
CA ILE A 72 26.05 1.35 -20.62
C ILE A 72 27.47 0.95 -21.02
N ASP A 73 28.47 1.78 -20.78
CA ASP A 73 29.86 1.37 -21.04
C ASP A 73 30.16 0.00 -20.39
N ALA A 74 29.83 -0.14 -19.11
CA ALA A 74 30.09 -1.39 -18.38
C ALA A 74 29.27 -2.55 -18.90
N LEU A 75 27.99 -2.34 -19.13
CA LEU A 75 27.15 -3.40 -19.69
C LEU A 75 27.68 -3.78 -21.06
N GLY A 76 27.92 -2.76 -21.88
CA GLY A 76 28.56 -2.93 -23.17
C GLY A 76 29.85 -3.73 -23.12
N SER A 77 30.78 -3.30 -22.28
CA SER A 77 32.07 -3.97 -22.16
C SER A 77 31.88 -5.42 -21.73
N LEU A 78 30.95 -5.68 -20.81
CA LEU A 78 30.66 -7.07 -20.42
C LEU A 78 30.24 -7.92 -21.61
N LEU A 79 29.40 -7.38 -22.46
CA LEU A 79 28.86 -8.21 -23.54
C LEU A 79 29.89 -8.47 -24.65
N THR A 80 30.74 -7.49 -24.94
CA THR A 80 31.82 -7.70 -25.91
C THR A 80 32.80 -8.74 -25.38
N ALA A 81 33.25 -8.56 -24.14
CA ALA A 81 34.19 -9.52 -23.54
C ALA A 81 33.62 -10.93 -23.57
N ALA A 82 32.30 -11.06 -23.56
CA ALA A 82 31.63 -12.36 -23.67
C ALA A 82 31.41 -12.84 -25.10
N GLY A 83 31.93 -12.12 -26.08
CA GLY A 83 31.83 -12.56 -27.46
C GLY A 83 30.78 -11.86 -28.32
N HIS A 84 30.13 -10.82 -27.77
CA HIS A 84 29.05 -10.14 -28.49
C HIS A 84 29.56 -8.95 -29.27
N LYS A 85 28.73 -8.47 -30.19
CA LYS A 85 28.97 -7.25 -30.94
C LYS A 85 27.81 -6.31 -30.67
N VAL A 86 28.15 -5.14 -30.12
CA VAL A 86 27.23 -4.24 -29.46
C VAL A 86 27.19 -2.91 -30.19
N ALA A 87 26.01 -2.56 -30.67
CA ALA A 87 25.74 -1.26 -31.22
C ALA A 87 25.03 -0.47 -30.16
N VAL A 88 25.38 0.80 -30.03
CA VAL A 88 24.76 1.70 -29.10
C VAL A 88 24.28 2.89 -29.91
N LEU A 89 22.96 3.06 -30.06
CA LEU A 89 22.40 4.14 -30.91
C LEU A 89 21.64 5.17 -30.09
N ALA A 90 21.91 6.45 -30.33
CA ALA A 90 21.27 7.51 -29.55
C ALA A 90 20.05 8.03 -30.27
N VAL A 91 18.99 8.27 -29.51
CA VAL A 91 17.83 9.01 -30.00
C VAL A 91 17.71 10.29 -29.16
N ASP A 92 17.68 11.43 -29.83
CA ASP A 92 17.62 12.72 -29.17
C ASP A 92 16.70 13.58 -29.99
N PRO A 93 15.60 14.07 -29.41
CA PRO A 93 14.66 14.89 -30.20
C PRO A 93 15.20 16.24 -30.66
N SER A 94 16.32 16.71 -30.11
CA SER A 94 16.90 17.99 -30.54
C SER A 94 17.66 17.86 -31.87
N SER A 95 17.95 16.63 -32.29
CA SER A 95 18.44 16.46 -33.67
C SER A 95 17.36 16.76 -34.74
N THR A 96 16.13 17.09 -34.34
CA THR A 96 15.19 17.69 -35.30
C THR A 96 15.47 19.16 -35.53
N ARG A 97 16.34 19.75 -34.71
CA ARG A 97 16.68 21.18 -34.78
C ARG A 97 18.15 21.44 -35.16
N THR A 98 18.94 20.38 -35.29
CA THR A 98 20.31 20.46 -35.81
C THR A 98 20.35 19.76 -37.16
N GLY A 99 21.56 19.57 -37.69
CA GLY A 99 21.79 18.74 -38.88
C GLY A 99 22.53 17.46 -38.52
N GLY A 100 22.52 17.10 -37.24
CA GLY A 100 23.20 15.91 -36.75
C GLY A 100 24.59 16.21 -36.22
N SER A 101 25.35 15.13 -36.04
CA SER A 101 26.72 15.22 -35.57
C SER A 101 27.57 14.28 -36.40
N ILE A 102 28.75 14.76 -36.80
CA ILE A 102 29.65 13.98 -37.63
C ILE A 102 30.39 13.01 -36.76
N LEU A 103 30.98 13.53 -35.70
CA LEU A 103 31.78 12.73 -34.79
C LEU A 103 30.95 12.07 -33.69
N GLY A 104 29.88 12.74 -33.26
CA GLY A 104 29.04 12.29 -32.15
C GLY A 104 29.60 12.65 -30.77
N ASP A 105 29.48 11.73 -29.82
CA ASP A 105 30.01 11.93 -28.49
C ASP A 105 30.42 10.56 -27.91
N LYS A 106 31.31 9.89 -28.60
CA LYS A 106 31.60 8.49 -28.32
C LYS A 106 32.38 8.20 -27.01
N THR A 107 33.16 9.17 -26.52
CA THR A 107 33.97 8.97 -25.30
C THR A 107 33.25 9.26 -23.97
N ARG A 108 31.96 9.55 -24.00
CA ARG A 108 31.14 9.49 -22.78
C ARG A 108 31.09 8.04 -22.31
N MET A 109 31.37 7.10 -23.22
CA MET A 109 31.55 5.67 -22.90
C MET A 109 32.98 5.27 -23.26
N ALA A 110 33.88 5.38 -22.29
CA ALA A 110 35.32 5.31 -22.53
C ALA A 110 35.79 3.96 -23.09
N ARG A 111 35.36 2.85 -22.49
CA ARG A 111 35.82 1.52 -22.95
C ARG A 111 35.26 1.15 -24.32
N LEU A 112 33.96 1.36 -24.51
CA LEU A 112 33.32 1.03 -25.79
C LEU A 112 33.82 1.90 -26.92
N ALA A 113 34.22 3.13 -26.61
CA ALA A 113 34.74 4.07 -27.63
C ALA A 113 35.94 3.53 -28.38
N ILE A 114 36.71 2.65 -27.72
CA ILE A 114 37.89 2.00 -28.31
C ILE A 114 37.67 0.50 -28.56
N ASP A 115 36.53 -0.02 -28.10
CA ASP A 115 36.20 -1.42 -28.30
C ASP A 115 35.85 -1.70 -29.76
N ARG A 116 36.74 -2.41 -30.42
CA ARG A 116 36.61 -2.72 -31.82
C ARG A 116 35.34 -3.54 -32.11
N ASN A 117 34.81 -4.23 -31.11
CA ASN A 117 33.56 -4.99 -31.26
C ASN A 117 32.32 -4.18 -30.86
N ALA A 118 32.47 -2.87 -30.73
CA ALA A 118 31.34 -2.01 -30.42
C ALA A 118 31.19 -1.00 -31.52
N PHE A 119 29.98 -0.51 -31.70
CA PHE A 119 29.66 0.50 -32.70
C PHE A 119 28.76 1.54 -32.07
N ILE A 120 29.16 2.81 -32.14
CA ILE A 120 28.46 3.87 -31.47
C ILE A 120 28.07 4.93 -32.51
N ARG A 121 26.85 5.44 -32.40
CA ARG A 121 26.33 6.35 -33.39
C ARG A 121 25.39 7.37 -32.74
N PRO A 122 25.59 8.67 -33.02
CA PRO A 122 24.68 9.66 -32.47
C PRO A 122 23.29 9.68 -33.17
N SER A 123 22.39 10.51 -32.64
CA SER A 123 21.05 10.60 -33.15
C SER A 123 21.03 11.21 -34.52
N PRO A 124 20.29 10.59 -35.45
CA PRO A 124 20.25 11.12 -36.81
C PRO A 124 19.40 12.36 -36.85
N SER A 125 19.58 13.17 -37.88
CA SER A 125 18.79 14.37 -38.07
C SER A 125 17.57 14.06 -38.92
N SER A 126 16.45 14.67 -38.60
CA SER A 126 15.27 14.49 -39.40
C SER A 126 14.33 15.65 -39.05
N GLY A 127 13.25 15.83 -39.80
CA GLY A 127 12.32 16.91 -39.50
C GLY A 127 11.40 16.64 -38.32
N THR A 128 11.13 15.36 -38.03
CA THR A 128 10.27 14.97 -36.92
C THR A 128 10.91 13.91 -36.06
N LEU A 129 10.41 13.77 -34.84
CA LEU A 129 10.97 12.79 -33.93
C LEU A 129 10.66 11.37 -34.44
N GLY A 130 9.46 11.19 -35.01
CA GLY A 130 9.09 9.92 -35.68
C GLY A 130 10.08 9.58 -36.78
N GLY A 131 10.55 10.61 -37.47
CA GLY A 131 11.53 10.47 -38.50
C GLY A 131 12.89 10.14 -37.94
N VAL A 132 13.26 10.75 -36.81
CA VAL A 132 14.54 10.46 -36.19
C VAL A 132 14.56 9.00 -35.81
N ALA A 133 13.43 8.55 -35.27
CA ALA A 133 13.33 7.23 -34.74
C ALA A 133 13.28 6.22 -35.87
N ALA A 134 12.51 6.49 -36.93
CA ALA A 134 12.45 5.57 -38.05
C ALA A 134 13.79 5.37 -38.74
N LYS A 135 14.59 6.44 -38.81
CA LYS A 135 15.94 6.30 -39.32
C LYS A 135 16.77 5.41 -38.39
N THR A 136 16.56 5.54 -37.09
CA THR A 136 17.24 4.70 -36.11
C THR A 136 16.87 3.25 -36.38
N ARG A 137 15.60 2.97 -36.62
CA ARG A 137 15.24 1.60 -37.01
C ARG A 137 15.97 1.14 -38.28
N GLU A 138 16.07 2.00 -39.29
CA GLU A 138 16.84 1.57 -40.48
C GLU A 138 18.30 1.31 -40.10
N THR A 139 18.83 2.07 -39.15
CA THR A 139 20.22 1.89 -38.73
C THR A 139 20.36 0.59 -37.96
N MET A 140 19.36 0.29 -37.12
CA MET A 140 19.39 -0.95 -36.35
C MET A 140 19.45 -2.12 -37.32
N LEU A 141 18.64 -2.07 -38.36
CA LEU A 141 18.61 -3.16 -39.35
C LEU A 141 19.95 -3.34 -40.05
N LEU A 142 20.61 -2.23 -40.33
CA LEU A 142 21.92 -2.31 -40.93
C LEU A 142 22.94 -2.92 -40.00
N CYS A 143 22.91 -2.50 -38.74
CA CYS A 143 23.86 -3.02 -37.78
C CYS A 143 23.64 -4.52 -37.66
N GLU A 144 22.38 -4.98 -37.74
CA GLU A 144 22.05 -6.40 -37.57
C GLU A 144 22.48 -7.22 -38.76
N ALA A 145 22.28 -6.68 -39.95
CA ALA A 145 22.79 -7.31 -41.13
C ALA A 145 24.30 -7.47 -41.02
N ALA A 146 24.99 -6.48 -40.44
CA ALA A 146 26.43 -6.55 -40.28
C ALA A 146 26.90 -7.46 -39.13
N GLY A 147 25.99 -8.16 -38.47
CA GLY A 147 26.34 -9.17 -37.47
C GLY A 147 26.26 -8.70 -36.02
N PHE A 148 25.81 -7.47 -35.79
CA PHE A 148 25.62 -7.00 -34.41
C PHE A 148 24.43 -7.68 -33.77
N ASP A 149 24.69 -8.42 -32.70
CA ASP A 149 23.67 -9.22 -32.04
C ASP A 149 23.15 -8.56 -30.75
N VAL A 150 23.76 -7.44 -30.37
CA VAL A 150 23.17 -6.63 -29.32
C VAL A 150 23.04 -5.15 -29.75
N ILE A 151 21.80 -4.65 -29.74
CA ILE A 151 21.52 -3.27 -30.15
C ILE A 151 20.95 -2.56 -28.96
N LEU A 152 21.73 -1.66 -28.38
CA LEU A 152 21.26 -0.88 -27.29
C LEU A 152 20.87 0.49 -27.82
N VAL A 153 19.63 0.92 -27.58
CA VAL A 153 19.16 2.24 -28.03
C VAL A 153 18.90 3.07 -26.77
N GLU A 154 19.52 4.25 -26.71
CA GLU A 154 19.50 5.07 -25.52
C GLU A 154 18.81 6.38 -25.79
N THR A 155 18.03 6.87 -24.84
CA THR A 155 17.52 8.24 -24.89
C THR A 155 18.64 9.24 -24.52
N VAL A 156 18.84 10.29 -25.30
CA VAL A 156 19.99 11.20 -25.06
C VAL A 156 19.57 12.66 -24.86
N GLY A 157 18.43 13.05 -25.39
CA GLY A 157 17.99 14.42 -25.13
C GLY A 157 17.73 14.72 -23.65
N VAL A 158 17.40 15.98 -23.38
CA VAL A 158 16.56 16.26 -22.23
C VAL A 158 15.10 16.11 -22.67
N GLY A 159 14.83 16.19 -23.97
CA GLY A 159 13.46 16.02 -24.50
C GLY A 159 12.84 14.64 -24.31
N GLN A 160 11.63 14.47 -24.83
CA GLN A 160 10.84 13.27 -24.61
C GLN A 160 10.96 12.20 -25.72
N SER A 161 11.95 11.34 -25.58
CA SER A 161 12.16 10.28 -26.52
C SER A 161 11.91 8.88 -25.97
N GLU A 162 11.39 8.76 -24.75
CA GLU A 162 11.25 7.46 -24.08
C GLU A 162 10.31 6.47 -24.79
N THR A 163 9.13 6.95 -25.18
CA THR A 163 8.21 6.12 -25.94
C THR A 163 8.79 5.71 -27.29
N ALA A 164 9.39 6.64 -28.00
CA ALA A 164 9.96 6.26 -29.30
C ALA A 164 11.03 5.17 -29.14
N VAL A 165 11.88 5.27 -28.11
CA VAL A 165 12.89 4.26 -27.87
C VAL A 165 12.29 2.94 -27.42
N ALA A 166 11.25 2.98 -26.59
CA ALA A 166 10.52 1.74 -26.29
C ALA A 166 9.95 1.11 -27.57
N ASP A 167 9.48 1.94 -28.48
CA ASP A 167 8.88 1.44 -29.71
C ASP A 167 9.92 1.06 -30.77
N LEU A 168 11.20 1.21 -30.44
CA LEU A 168 12.28 0.77 -31.30
C LEU A 168 12.91 -0.55 -30.83
N THR A 169 12.50 -1.07 -29.67
CA THR A 169 13.23 -2.15 -29.01
C THR A 169 12.33 -3.25 -28.47
N ASP A 170 12.94 -4.36 -28.07
CA ASP A 170 12.18 -5.53 -27.59
C ASP A 170 11.91 -5.42 -26.08
N PHE A 171 12.76 -4.65 -25.39
CA PHE A 171 12.85 -4.69 -23.95
C PHE A 171 13.33 -3.32 -23.53
N PHE A 172 12.62 -2.70 -22.59
CA PHE A 172 12.90 -1.32 -22.16
C PHE A 172 13.41 -1.28 -20.72
N LEU A 173 14.67 -0.94 -20.57
CA LEU A 173 15.32 -0.86 -19.27
C LEU A 173 15.37 0.56 -18.72
N VAL A 174 14.83 0.76 -17.52
CA VAL A 174 14.88 2.06 -16.90
C VAL A 174 15.83 2.05 -15.72
N LEU A 175 16.71 3.03 -15.69
CA LEU A 175 17.73 3.12 -14.68
C LEU A 175 17.35 4.22 -13.73
N MET A 176 17.30 3.93 -12.44
CA MET A 176 16.86 4.92 -11.43
C MET A 176 17.85 5.08 -10.29
N LEU A 177 17.63 6.13 -9.49
CA LEU A 177 18.41 6.39 -8.27
C LEU A 177 17.68 5.86 -7.01
N PRO A 178 18.44 5.70 -5.89
CA PRO A 178 17.81 5.43 -4.59
C PRO A 178 17.31 6.69 -3.85
N LYS A 188 7.19 11.98 -15.14
CA LYS A 188 7.94 10.76 -15.42
C LYS A 188 7.16 9.47 -15.10
N LYS A 189 5.86 9.57 -14.84
CA LYS A 189 5.03 8.38 -14.65
C LYS A 189 4.98 7.51 -15.90
N GLY A 190 5.07 8.14 -17.07
CA GLY A 190 5.10 7.45 -18.36
C GLY A 190 6.18 6.39 -18.37
N ILE A 191 7.34 6.72 -17.82
CA ILE A 191 8.50 5.83 -17.84
C ILE A 191 8.26 4.55 -17.09
N PHE A 192 7.64 4.65 -15.91
CA PHE A 192 7.36 3.48 -15.12
C PHE A 192 6.62 2.40 -15.89
N GLU A 193 5.57 2.79 -16.60
CA GLU A 193 4.78 1.74 -17.27
C GLU A 193 5.34 1.32 -18.61
N LEU A 194 6.44 1.95 -19.04
CA LEU A 194 7.18 1.43 -20.22
C LEU A 194 8.19 0.35 -19.81
N ALA A 195 8.62 0.38 -18.56
CA ALA A 195 9.68 -0.52 -18.07
C ALA A 195 9.33 -1.99 -18.16
N ASP A 196 10.17 -2.77 -18.84
CA ASP A 196 10.20 -4.21 -18.63
C ASP A 196 11.13 -4.59 -17.46
N MET A 197 11.93 -3.63 -16.98
CA MET A 197 12.68 -3.83 -15.78
C MET A 197 13.18 -2.49 -15.29
N ILE A 198 13.32 -2.37 -13.97
CA ILE A 198 13.98 -1.24 -13.38
C ILE A 198 15.23 -1.72 -12.69
N ALA A 199 16.33 -0.98 -12.89
CA ALA A 199 17.59 -1.28 -12.23
C ALA A 199 17.98 -0.08 -11.41
N VAL A 200 18.14 -0.27 -10.10
CA VAL A 200 18.50 0.80 -9.19
C VAL A 200 20.03 0.87 -9.09
N ASN A 201 20.57 2.05 -9.39
CA ASN A 201 22.00 2.24 -9.54
C ASN A 201 22.68 2.69 -8.26
N LYS A 202 23.96 2.36 -8.15
CA LYS A 202 24.79 2.66 -6.99
C LYS A 202 24.44 1.72 -5.85
N ALA A 203 24.60 0.43 -6.10
CA ALA A 203 24.43 -0.60 -5.07
C ALA A 203 25.64 -0.58 -4.15
N GLY A 206 28.74 -0.74 0.25
CA GLY A 206 27.67 -1.36 1.04
C GLY A 206 26.77 -0.37 1.76
N ASP A 207 27.33 0.75 2.19
CA ASP A 207 26.56 1.83 2.84
C ASP A 207 25.36 2.30 2.02
N GLY A 208 25.48 2.22 0.69
CA GLY A 208 24.41 2.58 -0.23
C GLY A 208 23.66 1.41 -0.83
N GLU A 209 24.22 0.20 -0.69
CA GLU A 209 23.50 -1.05 -0.96
C GLU A 209 22.18 -1.04 -0.17
N ARG A 210 22.29 -0.65 1.10
CA ARG A 210 21.18 -0.42 2.00
C ARG A 210 20.09 0.42 1.33
N ARG A 211 20.48 1.59 0.81
CA ARG A 211 19.53 2.53 0.19
C ARG A 211 18.94 2.02 -1.14
N ALA A 212 19.80 1.45 -2.00
CA ALA A 212 19.36 0.86 -3.25
C ALA A 212 18.34 -0.23 -3.02
N SER A 213 18.65 -1.09 -2.07
CA SER A 213 17.83 -2.23 -1.71
C SER A 213 16.43 -1.80 -1.31
N ALA A 214 16.38 -0.74 -0.50
CA ALA A 214 15.13 -0.22 -0.02
C ALA A 214 14.36 0.39 -1.18
N ALA A 215 15.01 1.29 -1.91
CA ALA A 215 14.36 1.94 -3.08
C ALA A 215 13.82 0.89 -4.04
N ALA A 216 14.59 -0.15 -4.26
CA ALA A 216 14.16 -1.22 -5.15
C ALA A 216 12.85 -1.83 -4.66
N SER A 217 12.77 -2.00 -3.34
CA SER A 217 11.58 -2.52 -2.72
C SER A 217 10.40 -1.58 -2.99
N GLU A 218 10.62 -0.27 -2.81
CA GLU A 218 9.59 0.73 -3.09
C GLU A 218 9.08 0.66 -4.53
N TYR A 219 9.99 0.68 -5.50
CA TYR A 219 9.63 0.65 -6.92
C TYR A 219 8.90 -0.61 -7.25
N ARG A 220 9.30 -1.72 -6.64
CA ARG A 220 8.64 -3.02 -6.84
C ARG A 220 7.16 -2.92 -6.40
N ALA A 221 6.93 -2.25 -5.28
CA ALA A 221 5.58 -2.01 -4.77
C ALA A 221 4.72 -1.08 -5.68
N ALA A 222 5.28 0.02 -6.13
CA ALA A 222 4.68 0.86 -7.18
C ALA A 222 4.29 0.10 -8.45
N LEU A 223 5.23 -0.66 -9.02
CA LEU A 223 4.96 -1.48 -10.20
C LEU A 223 3.77 -2.42 -10.05
N HIS A 224 3.53 -2.90 -8.84
CA HIS A 224 2.49 -3.91 -8.64
C HIS A 224 1.13 -3.49 -9.13
N ILE A 225 0.78 -2.21 -9.01
CA ILE A 225 -0.56 -1.77 -9.44
C ILE A 225 -0.70 -1.53 -10.94
N LEU A 226 0.41 -1.63 -11.67
CA LEU A 226 0.44 -1.52 -13.14
C LEU A 226 0.38 -2.90 -13.81
N THR A 227 -0.69 -3.18 -14.53
CA THR A 227 -0.86 -4.49 -15.18
C THR A 227 0.12 -4.61 -16.34
N PRO A 228 1.05 -5.58 -16.27
CA PRO A 228 1.97 -5.79 -17.40
C PRO A 228 1.20 -6.10 -18.69
N PRO A 229 1.68 -5.66 -19.85
CA PRO A 229 0.96 -5.93 -21.08
C PRO A 229 0.83 -7.40 -21.46
N SER A 230 1.72 -8.26 -20.95
CA SER A 230 1.61 -9.71 -21.19
C SER A 230 1.79 -10.50 -19.90
N ALA A 231 1.06 -11.61 -19.80
CA ALA A 231 1.21 -12.60 -18.73
C ALA A 231 2.55 -13.34 -18.77
N THR A 232 3.23 -13.32 -19.91
CA THR A 232 4.52 -13.96 -20.01
C THR A 232 5.66 -13.29 -19.21
N TRP A 233 5.46 -12.03 -18.84
CA TRP A 233 6.55 -11.28 -18.20
C TRP A 233 6.02 -10.31 -17.19
N THR A 234 6.64 -10.32 -16.01
CA THR A 234 6.32 -9.39 -14.96
C THR A 234 7.59 -8.61 -14.63
N PRO A 235 7.57 -7.28 -14.83
CA PRO A 235 8.81 -6.52 -14.69
C PRO A 235 9.42 -6.69 -13.31
N PRO A 236 10.71 -7.06 -13.22
CA PRO A 236 11.35 -7.08 -11.93
C PRO A 236 12.09 -5.79 -11.68
N VAL A 237 12.56 -5.61 -10.45
CA VAL A 237 13.48 -4.54 -10.09
C VAL A 237 14.73 -5.18 -9.50
N VAL A 238 15.90 -4.67 -9.89
CA VAL A 238 17.19 -5.18 -9.46
C VAL A 238 18.07 -4.00 -9.09
N THR A 239 19.19 -4.33 -8.45
CA THR A 239 20.15 -3.35 -7.97
C THR A 239 21.44 -3.59 -8.71
N ILE A 240 22.17 -2.52 -8.99
CA ILE A 240 23.45 -2.61 -9.67
C ILE A 240 24.40 -1.51 -9.21
N SER A 241 25.67 -1.71 -9.53
CA SER A 241 26.64 -0.61 -9.56
C SER A 241 27.33 -0.69 -10.91
N GLY A 242 27.07 0.30 -11.77
CA GLY A 242 27.66 0.35 -13.10
C GLY A 242 29.12 0.70 -12.98
N LEU A 243 29.39 1.59 -12.03
CA LEU A 243 30.77 1.96 -11.66
C LEU A 243 31.67 0.73 -11.49
N HIS A 244 31.22 -0.26 -10.73
CA HIS A 244 32.04 -1.42 -10.38
C HIS A 244 31.59 -2.70 -11.03
N GLY A 245 30.71 -2.61 -12.03
CA GLY A 245 30.27 -3.78 -12.79
C GLY A 245 29.43 -4.78 -12.03
N LYS A 246 28.96 -4.38 -10.85
CA LYS A 246 28.25 -5.31 -9.96
C LYS A 246 26.79 -5.42 -10.39
N GLY A 247 26.31 -6.66 -10.46
CA GLY A 247 24.91 -6.96 -10.76
C GLY A 247 24.58 -7.08 -12.23
N LEU A 248 25.51 -6.72 -13.10
CA LEU A 248 25.23 -6.65 -14.54
C LEU A 248 24.98 -7.98 -15.20
N ASP A 249 25.65 -9.03 -14.75
CA ASP A 249 25.44 -10.36 -15.31
C ASP A 249 24.03 -10.83 -15.07
N SER A 250 23.54 -10.59 -13.87
CA SER A 250 22.19 -10.92 -13.46
C SER A 250 21.16 -10.07 -14.16
N LEU A 251 21.44 -8.78 -14.30
CA LEU A 251 20.57 -7.91 -15.03
C LEU A 251 20.44 -8.45 -16.44
N TRP A 252 21.57 -8.75 -17.08
CA TRP A 252 21.54 -9.26 -18.45
C TRP A 252 20.84 -10.59 -18.55
N SER A 253 21.01 -11.46 -17.57
CA SER A 253 20.31 -12.76 -17.58
C SER A 253 18.80 -12.62 -17.69
N ARG A 254 18.25 -11.57 -17.09
CA ARG A 254 16.80 -11.40 -17.13
C ARG A 254 16.34 -11.06 -18.52
N ILE A 255 17.09 -10.15 -19.15
CA ILE A 255 16.81 -9.70 -20.51
C ILE A 255 16.86 -10.92 -21.42
N GLU A 256 17.90 -11.74 -21.27
CA GLU A 256 17.97 -13.02 -22.00
C GLU A 256 16.80 -13.94 -21.71
N ASP A 257 16.40 -14.03 -20.44
CA ASP A 257 15.23 -14.85 -20.04
C ASP A 257 13.96 -14.41 -20.77
N HIS A 258 13.69 -13.12 -20.69
CA HIS A 258 12.66 -12.44 -21.47
C HIS A 258 12.76 -12.75 -22.93
N ARG A 259 13.96 -12.75 -23.51
CA ARG A 259 14.05 -13.06 -24.92
CA ARG A 259 14.14 -13.12 -24.93
C ARG A 259 13.55 -14.48 -25.20
N SER A 260 13.94 -15.46 -24.39
CA SER A 260 13.55 -16.87 -24.63
C SER A 260 12.06 -17.08 -24.45
N LYS A 261 11.52 -16.57 -23.36
CA LYS A 261 10.10 -16.69 -23.11
C LYS A 261 9.21 -16.03 -24.20
N LEU A 262 9.51 -14.78 -24.59
CA LEU A 262 8.61 -14.05 -25.50
C LEU A 262 8.86 -14.42 -26.93
N THR A 263 10.05 -14.97 -27.21
CA THR A 263 10.29 -15.63 -28.51
C THR A 263 9.47 -16.92 -28.65
N ALA A 264 9.37 -17.71 -27.57
CA ALA A 264 8.61 -18.99 -27.63
C ALA A 264 7.14 -18.70 -27.96
N THR A 265 6.57 -17.71 -27.30
CA THR A 265 5.18 -17.28 -27.53
C THR A 265 4.92 -16.50 -28.83
N GLY A 266 5.99 -16.08 -29.51
CA GLY A 266 5.85 -15.27 -30.71
C GLY A 266 5.69 -13.78 -30.42
N GLU A 267 5.79 -13.39 -29.15
CA GLU A 267 5.44 -12.03 -28.76
C GLU A 267 6.48 -10.98 -29.14
N ILE A 268 7.74 -11.37 -29.19
CA ILE A 268 8.79 -10.49 -29.65
C ILE A 268 8.59 -10.13 -31.12
N ALA A 269 8.42 -11.15 -31.96
CA ALA A 269 8.07 -10.93 -33.37
C ALA A 269 6.79 -10.11 -33.56
N GLY A 270 5.79 -10.33 -32.72
CA GLY A 270 4.53 -9.59 -32.78
C GLY A 270 4.70 -8.10 -32.47
N LYS A 271 5.48 -7.81 -31.44
CA LYS A 271 5.85 -6.45 -31.08
C LYS A 271 6.65 -5.75 -32.19
N ARG A 272 7.58 -6.48 -32.81
CA ARG A 272 8.43 -5.95 -33.88
C ARG A 272 7.65 -5.55 -35.13
N ARG A 273 6.69 -6.38 -35.50
CA ARG A 273 5.81 -6.10 -36.61
C ARG A 273 4.96 -4.84 -36.41
N GLU A 274 4.36 -4.73 -35.23
CA GLU A 274 3.67 -3.50 -34.81
C GLU A 274 4.57 -2.25 -34.90
N GLN A 275 5.80 -2.38 -34.43
CA GLN A 275 6.73 -1.25 -34.44
C GLN A 275 7.06 -0.85 -35.83
N ASP A 276 7.33 -1.86 -36.69
CA ASP A 276 7.72 -1.61 -38.07
C ASP A 276 6.65 -0.83 -38.81
N VAL A 277 5.38 -1.12 -38.55
CA VAL A 277 4.26 -0.43 -39.22
C VAL A 277 4.17 1.04 -38.69
N LYS A 278 4.42 1.20 -37.39
CA LYS A 278 4.43 2.51 -36.80
C LYS A 278 5.52 3.33 -37.47
N TRP A 279 6.70 2.77 -37.65
CA TRP A 279 7.78 3.51 -38.29
C TRP A 279 7.55 3.84 -39.74
N MET A 280 6.91 2.94 -40.45
CA MET A 280 6.58 3.18 -41.84
C MET A 280 5.75 4.45 -41.94
N TRP A 281 4.72 4.57 -41.12
CA TRP A 281 3.81 5.69 -41.14
C TRP A 281 4.51 6.94 -40.63
N ALA A 282 5.42 6.81 -39.69
CA ALA A 282 6.16 7.96 -39.23
C ALA A 282 6.96 8.54 -40.40
N LEU A 283 7.52 7.65 -41.26
CA LEU A 283 8.23 8.10 -42.46
C LEU A 283 7.33 8.75 -43.51
N VAL A 284 6.10 8.27 -43.67
CA VAL A 284 5.17 8.92 -44.57
C VAL A 284 4.85 10.32 -44.08
N HIS A 285 4.58 10.43 -42.79
CA HIS A 285 4.37 11.69 -42.15
C HIS A 285 5.56 12.63 -42.13
N GLU A 286 6.77 12.09 -41.95
CA GLU A 286 8.03 12.86 -42.17
C GLU A 286 8.15 13.48 -43.57
N ARG A 287 7.79 12.72 -44.59
CA ARG A 287 7.89 13.18 -45.96
C ARG A 287 6.87 14.30 -46.18
N LEU A 288 5.67 14.15 -45.62
CA LEU A 288 4.69 15.24 -45.62
C LEU A 288 5.25 16.49 -44.94
N HIS A 289 5.82 16.34 -43.76
CA HIS A 289 6.45 17.48 -43.11
C HIS A 289 7.46 18.17 -43.98
N GLN A 290 8.33 17.39 -44.61
CA GLN A 290 9.44 17.93 -45.41
C GLN A 290 8.93 18.75 -46.59
N ARG A 291 7.82 18.33 -47.18
CA ARG A 291 7.14 19.11 -48.19
C ARG A 291 6.64 20.44 -47.63
N LEU A 292 6.14 20.43 -46.40
CA LEU A 292 5.54 21.62 -45.85
C LEU A 292 6.53 22.68 -45.44
N VAL A 293 7.79 22.31 -45.25
CA VAL A 293 8.83 23.24 -44.87
C VAL A 293 9.88 23.35 -45.98
N GLY A 294 9.52 22.86 -47.15
CA GLY A 294 10.45 22.71 -48.24
C GLY A 294 10.62 23.94 -49.10
N SER A 295 9.66 24.86 -49.07
CA SER A 295 9.87 26.21 -49.63
C SER A 295 9.37 27.28 -48.67
N ALA A 296 9.68 28.53 -48.98
CA ALA A 296 9.37 29.64 -48.06
C ALA A 296 7.88 29.92 -47.86
N GLU A 297 7.14 29.99 -48.95
CA GLU A 297 5.72 30.35 -48.90
C GLU A 297 4.91 29.31 -48.12
N VAL A 298 5.09 28.04 -48.46
CA VAL A 298 4.37 26.94 -47.83
C VAL A 298 4.78 26.85 -46.36
N ARG A 299 6.06 27.01 -46.09
CA ARG A 299 6.58 27.00 -44.74
C ARG A 299 5.99 28.13 -43.92
N GLN A 300 5.89 29.32 -44.50
CA GLN A 300 5.34 30.45 -43.77
C GLN A 300 3.86 30.21 -43.49
N ALA A 301 3.12 29.77 -44.50
CA ALA A 301 1.71 29.50 -44.40
C ALA A 301 1.39 28.36 -43.42
N THR A 302 2.26 27.36 -43.37
CA THR A 302 2.11 26.25 -42.42
C THR A 302 2.28 26.72 -40.99
N ALA A 303 3.33 27.48 -40.74
CA ALA A 303 3.52 28.09 -39.42
C ALA A 303 2.38 29.02 -39.05
N GLU A 304 1.85 29.75 -40.04
CA GLU A 304 0.72 30.66 -39.80
C GLU A 304 -0.52 29.89 -39.35
N ALA A 305 -0.82 28.82 -40.06
CA ALA A 305 -1.93 27.97 -39.68
C ALA A 305 -1.74 27.38 -38.27
N GLU A 306 -0.58 26.81 -38.00
CA GLU A 306 -0.36 26.18 -36.70
C GLU A 306 -0.51 27.22 -35.59
N ARG A 307 0.05 28.39 -35.83
CA ARG A 307 0.03 29.43 -34.85
C ARG A 307 -1.38 29.89 -34.58
N ALA A 308 -2.23 29.95 -35.61
CA ALA A 308 -3.61 30.42 -35.40
C ALA A 308 -4.39 29.44 -34.50
N VAL A 309 -4.23 28.15 -34.78
CA VAL A 309 -4.85 27.09 -33.97
C VAL A 309 -4.35 27.13 -32.52
N ALA A 310 -3.04 27.21 -32.30
CA ALA A 310 -2.50 27.28 -30.93
C ALA A 310 -3.04 28.48 -30.17
N GLY A 311 -3.11 29.63 -30.83
CA GLY A 311 -3.53 30.87 -30.19
C GLY A 311 -5.03 30.98 -30.04
N GLY A 312 -5.75 29.93 -30.40
CA GLY A 312 -7.21 29.93 -30.36
C GLY A 312 -7.90 30.90 -31.32
N GLU A 313 -7.22 31.29 -32.42
CA GLU A 313 -7.80 32.21 -33.41
C GLU A 313 -8.67 31.47 -34.44
N HIS A 314 -8.21 30.30 -34.89
CA HIS A 314 -8.94 29.46 -35.82
C HIS A 314 -8.98 28.06 -35.30
N SER A 315 -9.97 27.29 -35.71
CA SER A 315 -10.19 25.98 -35.07
C SER A 315 -9.27 24.95 -35.67
N PRO A 316 -9.02 23.84 -34.95
CA PRO A 316 -8.15 22.82 -35.50
C PRO A 316 -8.42 22.46 -36.95
N ALA A 317 -9.69 22.27 -37.29
CA ALA A 317 -10.06 21.87 -38.65
C ALA A 317 -9.82 22.98 -39.68
N ALA A 318 -10.01 24.24 -39.31
CA ALA A 318 -9.72 25.35 -40.22
C ALA A 318 -8.23 25.38 -40.51
N GLY A 319 -7.44 25.19 -39.46
CA GLY A 319 -6.01 25.10 -39.63
C GLY A 319 -5.67 23.94 -40.52
N ALA A 320 -6.32 22.81 -40.31
CA ALA A 320 -6.03 21.60 -41.09
C ALA A 320 -6.33 21.75 -42.57
N ASP A 321 -7.45 22.39 -42.88
CA ASP A 321 -7.84 22.53 -44.26
C ASP A 321 -6.95 23.54 -44.95
N ALA A 322 -6.52 24.58 -44.24
CA ALA A 322 -5.55 25.48 -44.82
C ALA A 322 -4.28 24.71 -45.18
N ILE A 323 -3.76 23.91 -44.27
CA ILE A 323 -2.58 23.10 -44.58
C ILE A 323 -2.81 22.13 -45.72
N ALA A 324 -3.97 21.48 -45.75
CA ALA A 324 -4.27 20.53 -46.83
C ALA A 324 -4.22 21.19 -48.20
N THR A 325 -4.67 22.43 -48.29
CA THR A 325 -4.72 23.17 -49.55
C THR A 325 -3.35 23.54 -50.11
N LEU A 326 -2.36 23.72 -49.24
CA LEU A 326 -1.01 24.00 -49.71
C LEU A 326 -0.39 22.80 -50.41
N ILE A 327 -0.70 21.61 -49.94
CA ILE A 327 -0.18 20.40 -50.56
C ILE A 327 -0.74 20.21 -51.97
N ALA B 3 -20.14 -1.35 62.06
CA ALA B 3 -20.69 -0.02 62.25
C ALA B 3 -20.72 0.75 60.94
N THR B 4 -19.89 0.33 60.01
CA THR B 4 -19.70 1.05 58.78
C THR B 4 -20.47 0.41 57.61
N LEU B 5 -20.89 -0.82 57.82
CA LEU B 5 -21.73 -1.59 56.87
C LEU B 5 -23.24 -1.51 57.21
N PRO B 6 -24.12 -1.31 56.19
CA PRO B 6 -25.54 -1.49 56.48
C PRO B 6 -25.85 -2.98 56.60
N ASP B 7 -27.11 -3.32 56.86
CA ASP B 7 -27.52 -4.72 56.92
C ASP B 7 -27.44 -5.27 55.48
N MET B 8 -26.63 -6.30 55.25
CA MET B 8 -26.31 -6.73 53.87
C MET B 8 -27.38 -7.64 53.21
N ASP B 9 -28.26 -8.24 54.00
CA ASP B 9 -29.43 -8.97 53.46
C ASP B 9 -30.45 -7.96 52.96
N THR B 10 -30.76 -6.95 53.76
CA THR B 10 -31.66 -5.89 53.29
C THR B 10 -31.06 -5.19 52.09
N LEU B 11 -29.75 -4.98 52.11
CA LEU B 11 -29.12 -4.30 50.98
C LEU B 11 -29.26 -5.12 49.69
N ARG B 12 -29.02 -6.42 49.77
CA ARG B 12 -29.17 -7.31 48.60
C ARG B 12 -30.62 -7.25 48.09
N GLU B 13 -31.58 -7.43 48.98
CA GLU B 13 -33.00 -7.44 48.59
C GLU B 13 -33.46 -6.17 47.90
N ARG B 14 -33.07 -5.03 48.46
CA ARG B 14 -33.45 -3.74 47.89
C ARG B 14 -32.75 -3.50 46.55
N LEU B 15 -31.48 -3.86 46.48
CA LEU B 15 -30.76 -3.72 45.20
C LEU B 15 -31.47 -4.55 44.12
N LEU B 16 -31.84 -5.78 44.48
CA LEU B 16 -32.54 -6.63 43.50
C LEU B 16 -33.90 -6.09 43.15
N ALA B 17 -34.52 -5.34 44.07
CA ALA B 17 -35.81 -4.70 43.81
C ALA B 17 -35.65 -3.41 42.98
N GLY B 18 -34.42 -3.07 42.61
CA GLY B 18 -34.10 -1.86 41.86
C GLY B 18 -33.99 -0.59 42.69
N ASP B 19 -33.78 -0.69 44.02
CA ASP B 19 -33.61 0.53 44.82
C ASP B 19 -32.28 1.20 44.45
N ARG B 20 -32.38 2.38 43.85
CA ARG B 20 -31.23 3.14 43.39
C ARG B 20 -30.25 3.47 44.54
N ALA B 21 -30.77 3.73 45.74
CA ALA B 21 -29.93 3.99 46.92
C ALA B 21 -29.16 2.76 47.33
N ALA B 22 -29.78 1.59 47.16
CA ALA B 22 -29.13 0.37 47.57
C ALA B 22 -27.98 0.05 46.59
N LEU B 23 -28.20 0.37 45.32
CA LEU B 23 -27.20 0.17 44.31
C LEU B 23 -26.02 1.09 44.58
N ALA B 24 -26.30 2.39 44.75
CA ALA B 24 -25.27 3.37 45.08
C ALA B 24 -24.44 2.89 46.24
N ARG B 25 -25.11 2.43 47.28
CA ARG B 25 -24.42 2.00 48.48
C ARG B 25 -23.56 0.77 48.23
N ALA B 26 -24.12 -0.24 47.56
CA ALA B 26 -23.32 -1.42 47.21
C ALA B 26 -22.11 -1.04 46.33
N ILE B 27 -22.34 -0.13 45.38
CA ILE B 27 -21.25 0.26 44.48
C ILE B 27 -20.07 0.89 45.28
N THR B 28 -20.38 1.79 46.22
CA THR B 28 -19.36 2.38 47.10
C THR B 28 -18.52 1.31 47.81
N LEU B 29 -19.17 0.25 48.29
CA LEU B 29 -18.46 -0.87 48.91
C LEU B 29 -17.54 -1.57 47.93
N ALA B 30 -17.98 -1.69 46.69
CA ALA B 30 -17.18 -2.35 45.65
C ALA B 30 -15.99 -1.50 45.23
N GLU B 31 -16.17 -0.18 45.20
CA GLU B 31 -15.07 0.72 44.88
C GLU B 31 -14.12 0.88 46.07
N SER B 32 -14.54 0.45 47.26
CA SER B 32 -13.81 0.70 48.49
C SER B 32 -12.38 0.21 48.46
N ARG B 33 -11.46 0.97 49.08
CA ARG B 33 -10.08 0.53 49.30
C ARG B 33 -9.91 -0.11 50.69
N ARG B 34 -11.02 -0.28 51.41
CA ARG B 34 -11.06 -1.02 52.65
C ARG B 34 -11.32 -2.53 52.43
N ALA B 35 -10.46 -3.35 53.00
CA ALA B 35 -10.64 -4.81 52.93
C ALA B 35 -12.00 -5.30 53.45
N ASP B 36 -12.43 -4.83 54.63
CA ASP B 36 -13.68 -5.30 55.22
C ASP B 36 -14.95 -4.91 54.42
N HIS B 37 -14.91 -3.76 53.76
CA HIS B 37 -15.99 -3.37 52.87
C HIS B 37 -16.01 -4.22 51.64
N ARG B 38 -14.84 -4.45 51.05
CA ARG B 38 -14.75 -5.31 49.88
C ARG B 38 -15.29 -6.72 50.17
N ALA B 39 -14.98 -7.27 51.34
CA ALA B 39 -15.41 -8.61 51.70
C ALA B 39 -16.92 -8.70 51.68
N ALA B 40 -17.57 -7.69 52.27
CA ALA B 40 -19.00 -7.70 52.39
C ALA B 40 -19.72 -7.58 51.03
N VAL B 41 -19.23 -6.75 50.15
CA VAL B 41 -19.89 -6.67 48.84
C VAL B 41 -19.52 -7.88 47.88
N ARG B 42 -18.32 -8.41 47.99
CA ARG B 42 -17.97 -9.70 47.33
C ARG B 42 -19.01 -10.83 47.57
N ASP B 43 -19.44 -11.04 48.81
CA ASP B 43 -20.49 -12.01 49.11
C ASP B 43 -21.86 -11.60 48.54
N LEU B 44 -22.22 -10.32 48.68
CA LEU B 44 -23.49 -9.88 48.11
C LEU B 44 -23.48 -10.12 46.60
N ILE B 45 -22.37 -9.80 45.95
CA ILE B 45 -22.24 -9.94 44.50
C ILE B 45 -22.31 -11.42 44.04
N ASP B 46 -21.60 -12.29 44.75
CA ASP B 46 -21.63 -13.71 44.46
C ASP B 46 -23.06 -14.19 44.63
N ALA B 47 -23.76 -13.68 45.64
CA ALA B 47 -25.17 -14.01 45.86
C ALA B 47 -26.11 -13.61 44.71
N VAL B 48 -25.91 -12.44 44.12
CA VAL B 48 -26.79 -12.00 43.03
C VAL B 48 -26.29 -12.33 41.61
N LEU B 49 -25.22 -13.09 41.52
CA LEU B 49 -24.67 -13.50 40.22
C LEU B 49 -25.70 -14.00 39.18
N PRO B 50 -26.68 -14.84 39.59
CA PRO B 50 -27.64 -15.34 38.58
C PRO B 50 -28.56 -14.29 38.03
N GLN B 51 -28.59 -13.13 38.68
CA GLN B 51 -29.36 -11.96 38.20
C GLN B 51 -28.53 -10.98 37.38
N THR B 52 -27.27 -11.34 37.08
CA THR B 52 -26.39 -10.52 36.25
C THR B 52 -26.33 -11.09 34.84
N GLY B 53 -25.64 -10.39 33.94
CA GLY B 53 -25.45 -10.89 32.60
C GLY B 53 -26.48 -10.45 31.55
N ARG B 54 -27.66 -10.01 31.94
CA ARG B 54 -28.70 -9.75 30.94
C ARG B 54 -28.61 -8.31 30.49
N ALA B 55 -27.49 -8.00 29.87
CA ALA B 55 -27.25 -6.65 29.40
C ALA B 55 -26.32 -6.68 28.24
N ILE B 56 -26.26 -5.59 27.48
CA ILE B 56 -25.27 -5.45 26.46
C ILE B 56 -24.19 -4.61 27.05
N ARG B 57 -22.97 -5.10 27.03
CA ARG B 57 -21.83 -4.36 27.56
C ARG B 57 -21.00 -3.79 26.42
N VAL B 58 -20.82 -2.48 26.44
CA VAL B 58 -20.12 -1.79 25.37
C VAL B 58 -18.98 -0.97 25.86
N GLY B 59 -17.78 -1.25 25.35
CA GLY B 59 -16.65 -0.41 25.60
C GLY B 59 -16.55 0.68 24.55
N ILE B 60 -16.21 1.88 24.99
CA ILE B 60 -16.15 3.04 24.12
C ILE B 60 -14.86 3.79 24.38
N THR B 61 -14.18 4.14 23.29
CA THR B 61 -12.97 4.93 23.44
C THR B 61 -12.89 5.92 22.31
N GLY B 62 -11.95 6.83 22.45
CA GLY B 62 -11.54 7.77 21.40
C GLY B 62 -10.51 8.75 21.98
N VAL B 63 -9.79 9.45 21.12
CA VAL B 63 -9.00 10.62 21.51
C VAL B 63 -9.91 11.53 22.34
N PRO B 64 -9.54 11.83 23.62
CA PRO B 64 -10.47 12.45 24.58
C PRO B 64 -11.25 13.62 24.00
N GLY B 65 -12.56 13.62 24.24
CA GLY B 65 -13.45 14.61 23.66
C GLY B 65 -14.67 15.00 24.45
N VAL B 66 -14.96 16.31 24.44
CA VAL B 66 -16.33 16.79 24.55
C VAL B 66 -17.16 16.00 23.54
N GLY B 67 -16.54 15.67 22.39
CA GLY B 67 -17.11 14.76 21.36
C GLY B 67 -17.55 13.39 21.85
N LYS B 68 -16.69 12.72 22.61
CA LYS B 68 -17.00 11.39 23.14
C LYS B 68 -18.16 11.45 24.13
N SER B 69 -18.01 12.34 25.10
CA SER B 69 -19.02 12.65 26.09
C SER B 69 -20.37 13.01 25.55
N THR B 70 -20.40 13.93 24.60
CA THR B 70 -21.67 14.30 24.04
C THR B 70 -22.19 13.16 23.14
N THR B 71 -21.33 12.34 22.56
CA THR B 71 -21.84 11.16 21.81
C THR B 71 -22.48 10.18 22.79
N ILE B 72 -21.79 9.89 23.87
CA ILE B 72 -22.32 8.97 24.88
C ILE B 72 -23.61 9.54 25.52
N ASP B 73 -23.64 10.84 25.78
CA ASP B 73 -24.86 11.46 26.26
C ASP B 73 -26.05 11.18 25.33
N ALA B 74 -25.88 11.42 24.04
CA ALA B 74 -27.00 11.26 23.08
C ALA B 74 -27.38 9.81 22.90
N LEU B 75 -26.37 8.96 22.86
CA LEU B 75 -26.61 7.52 22.72
C LEU B 75 -27.34 7.00 23.96
N GLY B 76 -26.81 7.32 25.12
CA GLY B 76 -27.43 6.90 26.35
C GLY B 76 -28.83 7.47 26.44
N SER B 77 -28.99 8.74 26.11
CA SER B 77 -30.31 9.39 26.23
C SER B 77 -31.33 8.79 25.31
N LEU B 78 -30.87 8.38 24.14
CA LEU B 78 -31.72 7.72 23.16
C LEU B 78 -32.16 6.33 23.67
N LEU B 79 -31.25 5.62 24.33
CA LEU B 79 -31.57 4.31 24.92
C LEU B 79 -32.53 4.38 26.14
N THR B 80 -32.31 5.34 27.04
CA THR B 80 -33.24 5.53 28.13
C THR B 80 -34.63 5.94 27.59
N ALA B 81 -34.69 6.81 26.59
CA ALA B 81 -36.02 7.14 25.99
C ALA B 81 -36.73 5.87 25.51
N ALA B 82 -35.98 4.88 25.03
CA ALA B 82 -36.59 3.63 24.56
C ALA B 82 -36.85 2.56 25.64
N GLY B 83 -36.60 2.90 26.91
CA GLY B 83 -36.97 2.02 28.02
C GLY B 83 -35.79 1.31 28.65
N HIS B 84 -34.59 1.53 28.15
CA HIS B 84 -33.43 0.85 28.73
C HIS B 84 -32.95 1.56 29.97
N LYS B 85 -32.27 0.83 30.83
CA LYS B 85 -31.56 1.44 31.94
C LYS B 85 -30.08 1.31 31.66
N VAL B 86 -29.39 2.45 31.67
CA VAL B 86 -28.03 2.60 31.17
C VAL B 86 -27.03 3.01 32.28
N ALA B 87 -26.01 2.20 32.49
CA ALA B 87 -24.88 2.60 33.31
C ALA B 87 -23.79 3.06 32.40
N VAL B 88 -23.06 4.09 32.83
CA VAL B 88 -21.88 4.61 32.15
C VAL B 88 -20.72 4.62 33.19
N LEU B 89 -19.74 3.73 33.00
CA LEU B 89 -18.65 3.55 33.97
C LEU B 89 -17.34 3.95 33.32
N ALA B 90 -16.46 4.58 34.07
CA ALA B 90 -15.20 5.06 33.49
C ALA B 90 -14.00 4.22 33.93
N VAL B 91 -13.02 4.09 33.05
CA VAL B 91 -11.74 3.49 33.40
C VAL B 91 -10.65 4.50 33.03
N ASP B 92 -9.86 4.89 34.00
CA ASP B 92 -8.82 5.90 33.83
C ASP B 92 -7.61 5.41 34.59
N PRO B 93 -6.50 5.16 33.90
CA PRO B 93 -5.35 4.57 34.58
C PRO B 93 -4.79 5.46 35.67
N SER B 94 -5.06 6.75 35.60
CA SER B 94 -4.53 7.64 36.61
C SER B 94 -5.23 7.43 37.97
N SER B 95 -6.39 6.80 37.97
CA SER B 95 -6.97 6.39 39.26
C SER B 95 -6.12 5.31 40.01
N THR B 96 -5.03 4.83 39.41
CA THR B 96 -4.05 4.06 40.18
C THR B 96 -3.19 4.96 41.05
N ARG B 97 -3.19 6.26 40.77
CA ARG B 97 -2.36 7.21 41.49
C ARG B 97 -3.19 8.16 42.34
N THR B 98 -4.52 8.08 42.27
CA THR B 98 -5.39 8.96 43.07
C THR B 98 -6.19 8.12 44.04
N GLY B 99 -6.96 8.81 44.90
CA GLY B 99 -7.96 8.15 45.70
C GLY B 99 -9.30 7.98 45.01
N GLY B 100 -9.41 8.26 43.70
CA GLY B 100 -10.74 8.21 43.03
C GLY B 100 -11.51 9.50 43.29
N SER B 101 -12.80 9.52 42.98
CA SER B 101 -13.57 10.74 43.15
C SER B 101 -14.94 10.40 43.71
N ILE B 102 -15.43 11.27 44.59
CA ILE B 102 -16.70 11.05 45.28
C ILE B 102 -17.87 11.21 44.30
N LEU B 103 -17.88 12.35 43.61
CA LEU B 103 -18.98 12.74 42.73
C LEU B 103 -18.69 12.49 41.26
N GLY B 104 -17.42 12.35 40.91
CA GLY B 104 -17.04 12.19 39.50
C GLY B 104 -17.29 13.47 38.72
N ASP B 105 -17.63 13.34 37.44
CA ASP B 105 -17.81 14.48 36.55
C ASP B 105 -19.03 14.19 35.66
N LYS B 106 -20.20 14.11 36.28
CA LYS B 106 -21.39 13.61 35.56
C LYS B 106 -21.87 14.57 34.47
N THR B 107 -21.63 15.87 34.69
CA THR B 107 -22.09 16.91 33.77
C THR B 107 -21.32 17.05 32.42
N ARG B 108 -20.20 16.37 32.23
CA ARG B 108 -19.75 16.14 30.85
C ARG B 108 -20.84 15.37 30.04
N MET B 109 -21.81 14.74 30.71
CA MET B 109 -22.99 14.22 30.05
C MET B 109 -24.28 14.88 30.58
N ALA B 110 -24.65 16.03 30.02
CA ALA B 110 -25.62 16.95 30.63
C ALA B 110 -26.95 16.25 30.91
N ARG B 111 -27.47 15.57 29.90
CA ARG B 111 -28.76 14.89 30.05
C ARG B 111 -28.67 13.68 30.97
N LEU B 112 -27.67 12.83 30.80
CA LEU B 112 -27.67 11.57 31.56
C LEU B 112 -27.46 11.86 33.03
N ALA B 113 -26.73 12.94 33.31
CA ALA B 113 -26.45 13.39 34.68
C ALA B 113 -27.70 13.55 35.53
N ILE B 114 -28.84 13.84 34.94
CA ILE B 114 -30.06 13.96 35.73
C ILE B 114 -31.10 12.88 35.41
N ASP B 115 -30.75 11.88 34.60
CA ASP B 115 -31.72 10.88 34.15
C ASP B 115 -31.66 9.70 35.14
N ARG B 116 -32.75 9.47 35.86
CA ARG B 116 -32.83 8.37 36.84
CA ARG B 116 -32.78 8.37 36.82
C ARG B 116 -32.77 7.00 36.15
N ASN B 117 -32.89 6.96 34.82
CA ASN B 117 -32.73 5.73 34.10
C ASN B 117 -31.29 5.50 33.76
N ALA B 118 -30.41 6.44 34.15
CA ALA B 118 -28.99 6.22 33.99
C ALA B 118 -28.31 6.14 35.34
N PHE B 119 -27.08 5.62 35.33
CA PHE B 119 -26.24 5.58 36.52
C PHE B 119 -24.80 5.72 36.11
N ILE B 120 -24.14 6.74 36.65
CA ILE B 120 -22.84 7.16 36.16
C ILE B 120 -21.81 7.15 37.30
N ARG B 121 -20.60 6.63 37.03
CA ARG B 121 -19.54 6.53 38.03
C ARG B 121 -18.22 6.77 37.37
N PRO B 122 -17.31 7.44 38.08
CA PRO B 122 -15.99 7.63 37.52
C PRO B 122 -15.11 6.42 37.84
N SER B 123 -13.85 6.49 37.46
CA SER B 123 -12.92 5.39 37.61
C SER B 123 -12.60 5.13 39.06
N PRO B 124 -12.77 3.90 39.52
CA PRO B 124 -12.40 3.57 40.89
C PRO B 124 -10.89 3.55 41.09
N SER B 125 -10.49 3.61 42.33
CA SER B 125 -9.10 3.73 42.71
C SER B 125 -8.62 2.37 43.10
N SER B 126 -7.41 2.04 42.70
CA SER B 126 -6.83 0.79 43.13
C SER B 126 -5.36 0.86 42.89
N GLY B 127 -4.62 -0.11 43.39
CA GLY B 127 -3.18 -0.11 43.20
C GLY B 127 -2.72 -0.38 41.78
N THR B 128 -3.50 -1.16 41.02
CA THR B 128 -3.12 -1.51 39.66
C THR B 128 -4.28 -1.32 38.72
N LEU B 129 -3.95 -1.23 37.45
CA LEU B 129 -4.94 -1.01 36.41
C LEU B 129 -5.86 -2.24 36.34
N GLY B 130 -5.26 -3.43 36.40
CA GLY B 130 -6.01 -4.67 36.58
C GLY B 130 -7.02 -4.55 37.70
N GLY B 131 -6.60 -3.91 38.79
CA GLY B 131 -7.42 -3.77 39.97
C GLY B 131 -8.55 -2.79 39.73
N VAL B 132 -8.24 -1.68 39.05
CA VAL B 132 -9.24 -0.71 38.69
C VAL B 132 -10.34 -1.33 37.82
N ALA B 133 -9.94 -2.06 36.79
CA ALA B 133 -10.86 -2.73 35.88
C ALA B 133 -11.68 -3.82 36.58
N ALA B 134 -11.05 -4.56 37.48
CA ALA B 134 -11.73 -5.61 38.23
C ALA B 134 -12.83 -5.02 39.06
N LYS B 135 -12.56 -3.88 39.71
CA LYS B 135 -13.62 -3.18 40.44
C LYS B 135 -14.70 -2.66 39.52
N THR B 136 -14.33 -2.17 38.35
CA THR B 136 -15.32 -1.77 37.39
C THR B 136 -16.21 -2.95 36.98
N ARG B 137 -15.61 -4.12 36.81
CA ARG B 137 -16.39 -5.35 36.56
C ARG B 137 -17.40 -5.62 37.67
N GLU B 138 -16.97 -5.55 38.91
CA GLU B 138 -17.93 -5.72 39.98
C GLU B 138 -19.08 -4.71 39.98
N THR B 139 -18.78 -3.43 39.68
CA THR B 139 -19.83 -2.40 39.59
C THR B 139 -20.79 -2.69 38.44
N MET B 140 -20.27 -3.26 37.36
CA MET B 140 -21.08 -3.70 36.22
C MET B 140 -22.07 -4.77 36.65
N LEU B 141 -21.57 -5.73 37.41
CA LEU B 141 -22.42 -6.83 37.87
C LEU B 141 -23.53 -6.29 38.79
N LEU B 142 -23.19 -5.35 39.68
CA LEU B 142 -24.22 -4.77 40.56
C LEU B 142 -25.31 -4.03 39.80
N CYS B 143 -24.93 -3.23 38.82
CA CYS B 143 -25.90 -2.50 38.02
C CYS B 143 -26.78 -3.48 37.25
N GLU B 144 -26.18 -4.54 36.73
CA GLU B 144 -26.97 -5.58 36.04
C GLU B 144 -27.97 -6.25 36.94
N ALA B 145 -27.50 -6.63 38.13
CA ALA B 145 -28.36 -7.20 39.15
C ALA B 145 -29.50 -6.23 39.51
N ALA B 146 -29.22 -4.93 39.47
CA ALA B 146 -30.25 -3.95 39.79
C ALA B 146 -31.16 -3.64 38.60
N GLY B 147 -30.97 -4.33 37.48
CA GLY B 147 -31.89 -4.17 36.32
C GLY B 147 -31.39 -3.26 35.23
N PHE B 148 -30.10 -2.88 35.24
CA PHE B 148 -29.50 -2.15 34.10
C PHE B 148 -29.17 -3.09 32.97
N ASP B 149 -29.63 -2.77 31.74
CA ASP B 149 -29.54 -3.70 30.63
C ASP B 149 -28.59 -3.20 29.56
N VAL B 150 -28.09 -1.97 29.72
CA VAL B 150 -27.03 -1.52 28.88
C VAL B 150 -25.92 -1.00 29.80
N ILE B 151 -24.71 -1.53 29.62
CA ILE B 151 -23.57 -1.09 30.39
C ILE B 151 -22.55 -0.50 29.43
N LEU B 152 -22.29 0.79 29.55
CA LEU B 152 -21.23 1.46 28.76
C LEU B 152 -20.01 1.70 29.64
N VAL B 153 -18.85 1.25 29.18
CA VAL B 153 -17.61 1.46 29.89
C VAL B 153 -16.73 2.36 29.02
N GLU B 154 -16.26 3.45 29.59
CA GLU B 154 -15.58 4.48 28.82
C GLU B 154 -14.13 4.60 29.23
N THR B 155 -13.21 4.62 28.28
CA THR B 155 -11.82 4.94 28.60
C THR B 155 -11.76 6.44 28.95
N VAL B 156 -11.14 6.78 30.06
CA VAL B 156 -11.05 8.22 30.42
C VAL B 156 -9.60 8.58 30.68
N GLY B 157 -9.25 9.81 30.30
CA GLY B 157 -7.89 10.32 30.44
C GLY B 157 -6.95 9.76 29.41
N VAL B 158 -5.68 10.04 29.59
CA VAL B 158 -4.69 9.42 28.73
C VAL B 158 -4.06 8.28 29.51
N GLY B 159 -3.79 7.19 28.80
CA GLY B 159 -3.10 6.05 29.37
C GLY B 159 -3.61 4.86 28.64
N GLN B 160 -3.04 3.70 28.87
CA GLN B 160 -3.37 2.54 28.06
C GLN B 160 -4.48 1.77 28.75
N SER B 161 -5.73 2.22 28.57
CA SER B 161 -6.86 1.53 29.18
C SER B 161 -7.72 0.77 28.19
N GLU B 162 -7.38 0.85 26.92
CA GLU B 162 -8.26 0.34 25.88
C GLU B 162 -8.39 -1.19 25.95
N THR B 163 -7.26 -1.87 26.19
CA THR B 163 -7.26 -3.34 26.30
C THR B 163 -8.10 -3.79 27.50
N ALA B 164 -7.97 -3.09 28.61
CA ALA B 164 -8.77 -3.37 29.78
C ALA B 164 -10.29 -3.19 29.52
N VAL B 165 -10.67 -2.11 28.89
CA VAL B 165 -12.05 -1.86 28.60
C VAL B 165 -12.59 -2.87 27.62
N ALA B 166 -11.78 -3.26 26.62
CA ALA B 166 -12.19 -4.29 25.67
C ALA B 166 -12.45 -5.56 26.45
N ASP B 167 -11.57 -5.83 27.39
CA ASP B 167 -11.76 -7.04 28.25
C ASP B 167 -12.85 -6.96 29.31
N LEU B 168 -13.49 -5.79 29.42
CA LEU B 168 -14.63 -5.64 30.29
C LEU B 168 -15.96 -5.72 29.58
N THR B 169 -15.97 -5.75 28.26
CA THR B 169 -17.23 -5.62 27.56
C THR B 169 -17.39 -6.66 26.44
N ASP B 170 -18.57 -6.68 25.80
CA ASP B 170 -18.87 -7.61 24.70
C ASP B 170 -18.49 -7.02 23.36
N PHE B 171 -18.59 -5.69 23.24
CA PHE B 171 -18.43 -5.00 21.98
C PHE B 171 -17.60 -3.74 22.22
N PHE B 172 -16.56 -3.54 21.42
CA PHE B 172 -15.67 -2.41 21.60
C PHE B 172 -15.81 -1.42 20.44
N LEU B 173 -16.23 -0.20 20.76
CA LEU B 173 -16.49 0.84 19.75
C LEU B 173 -15.44 1.93 19.86
N VAL B 174 -14.81 2.24 18.73
CA VAL B 174 -13.86 3.33 18.64
C VAL B 174 -14.49 4.53 17.90
N LEU B 175 -14.56 5.64 18.60
CA LEU B 175 -15.04 6.89 18.03
C LEU B 175 -13.84 7.67 17.47
N MET B 176 -14.00 8.23 16.28
CA MET B 176 -12.96 8.98 15.60
C MET B 176 -13.51 10.29 15.05
N LEU B 177 -12.68 11.31 15.04
CA LEU B 177 -13.07 12.65 14.58
C LEU B 177 -11.92 13.17 13.67
N PRO B 178 -12.21 13.41 12.36
CA PRO B 178 -11.18 13.95 11.45
C PRO B 178 -11.04 15.47 11.56
N GLN B 185 -3.23 11.77 14.15
CA GLN B 185 -3.69 10.39 14.24
C GLN B 185 -5.10 10.28 14.83
N GLY B 186 -6.04 9.78 14.03
CA GLY B 186 -7.44 9.69 14.41
C GLY B 186 -7.80 8.58 15.40
N ILE B 187 -6.97 7.54 15.44
CA ILE B 187 -7.17 6.34 16.27
C ILE B 187 -5.83 6.00 16.93
N LYS B 188 -5.83 5.76 18.24
CA LYS B 188 -4.56 5.53 18.96
C LYS B 188 -3.78 4.33 18.39
N LYS B 189 -2.46 4.40 18.48
CA LYS B 189 -1.55 3.38 17.94
C LYS B 189 -1.92 1.89 18.13
N GLY B 190 -1.91 1.34 19.33
CA GLY B 190 -2.06 -0.16 19.44
C GLY B 190 -3.45 -0.82 19.37
N ILE B 191 -4.50 -0.09 18.99
CA ILE B 191 -5.85 -0.51 19.36
C ILE B 191 -6.78 -0.85 18.21
N PHE B 192 -6.31 -0.74 16.99
CA PHE B 192 -7.21 -0.87 15.86
C PHE B 192 -7.89 -2.23 15.76
N GLU B 193 -7.13 -3.28 16.04
CA GLU B 193 -7.67 -4.66 16.01
C GLU B 193 -8.60 -4.96 17.20
N LEU B 194 -8.73 -4.04 18.15
CA LEU B 194 -9.73 -4.20 19.20
C LEU B 194 -11.13 -3.83 18.73
N ALA B 195 -11.23 -3.07 17.62
CA ALA B 195 -12.51 -2.45 17.25
C ALA B 195 -13.50 -3.41 16.61
N ASP B 196 -14.68 -3.50 17.20
CA ASP B 196 -15.83 -4.18 16.55
C ASP B 196 -16.65 -3.21 15.70
N MET B 197 -16.33 -1.92 15.80
CA MET B 197 -16.94 -0.91 14.96
C MET B 197 -16.18 0.37 15.13
N ILE B 198 -16.12 1.18 14.07
CA ILE B 198 -15.54 2.51 14.15
C ILE B 198 -16.60 3.54 13.75
N ALA B 199 -16.80 4.54 14.59
CA ALA B 199 -17.76 5.59 14.30
C ALA B 199 -17.00 6.88 14.01
N VAL B 200 -17.23 7.39 12.82
CA VAL B 200 -16.57 8.61 12.40
C VAL B 200 -17.51 9.77 12.66
N ASN B 201 -17.07 10.72 13.46
CA ASN B 201 -17.91 11.85 13.84
C ASN B 201 -17.72 13.03 12.89
N LYS B 202 -18.53 13.10 11.83
CA LYS B 202 -18.36 14.11 10.75
C LYS B 202 -18.09 15.53 11.24
N GLY B 208 -16.04 19.99 5.43
CA GLY B 208 -15.30 18.97 6.16
C GLY B 208 -15.92 17.58 6.14
N GLU B 209 -16.95 17.39 5.33
CA GLU B 209 -17.65 16.10 5.22
C GLU B 209 -17.02 15.17 4.16
N ARG B 210 -15.95 15.63 3.54
CA ARG B 210 -15.17 14.82 2.62
C ARG B 210 -14.03 14.16 3.35
N ARG B 211 -13.52 14.83 4.38
CA ARG B 211 -12.56 14.23 5.28
C ARG B 211 -13.17 13.00 5.95
N ALA B 212 -14.44 13.10 6.35
CA ALA B 212 -15.11 12.03 7.06
C ALA B 212 -15.29 10.80 6.17
N SER B 213 -15.72 11.00 4.93
CA SER B 213 -15.86 9.89 3.99
C SER B 213 -14.50 9.31 3.66
N ALA B 214 -13.50 10.16 3.47
CA ALA B 214 -12.15 9.68 3.23
C ALA B 214 -11.67 8.85 4.42
N ALA B 215 -11.82 9.38 5.65
CA ALA B 215 -11.34 8.64 6.82
C ALA B 215 -12.12 7.31 6.97
N ALA B 216 -13.45 7.38 6.81
CA ALA B 216 -14.25 6.16 6.88
C ALA B 216 -13.71 5.14 5.92
N SER B 217 -13.47 5.55 4.67
CA SER B 217 -12.98 4.63 3.66
C SER B 217 -11.64 3.98 4.01
N GLU B 218 -10.69 4.75 4.48
CA GLU B 218 -9.41 4.20 4.89
C GLU B 218 -9.58 3.16 6.00
N TYR B 219 -10.45 3.44 6.97
CA TYR B 219 -10.68 2.49 8.02
C TYR B 219 -11.40 1.22 7.54
N ARG B 220 -12.38 1.36 6.64
CA ARG B 220 -12.97 0.20 5.98
C ARG B 220 -11.89 -0.64 5.31
N ALA B 221 -10.95 0.01 4.64
CA ALA B 221 -9.85 -0.73 3.99
C ALA B 221 -9.02 -1.55 5.00
N ALA B 222 -8.56 -0.90 6.06
CA ALA B 222 -7.76 -1.59 7.09
C ALA B 222 -8.50 -2.77 7.79
N LEU B 223 -9.79 -2.61 8.02
CA LEU B 223 -10.58 -3.65 8.67
C LEU B 223 -10.80 -4.83 7.74
N HIS B 224 -11.05 -4.53 6.47
CA HIS B 224 -11.24 -5.58 5.48
C HIS B 224 -9.98 -6.41 5.32
N ILE B 225 -8.82 -5.77 5.34
CA ILE B 225 -7.55 -6.44 5.15
C ILE B 225 -7.14 -7.26 6.39
N LEU B 226 -7.36 -6.71 7.58
CA LEU B 226 -6.86 -7.30 8.83
C LEU B 226 -7.79 -8.26 9.57
N THR B 227 -9.09 -8.11 9.45
CA THR B 227 -10.02 -8.98 10.15
C THR B 227 -10.11 -10.38 9.55
N PRO B 228 -10.02 -11.44 10.38
CA PRO B 228 -10.28 -12.79 9.90
C PRO B 228 -11.64 -12.87 9.17
N PRO B 229 -11.64 -13.33 7.91
CA PRO B 229 -12.92 -13.54 7.20
C PRO B 229 -13.67 -14.70 7.84
N SER B 230 -12.91 -15.53 8.51
CA SER B 230 -13.42 -16.53 9.44
C SER B 230 -14.40 -16.00 10.52
N ALA B 231 -14.27 -14.73 10.89
CA ALA B 231 -15.01 -14.23 12.06
C ALA B 231 -16.52 -14.17 11.87
N THR B 232 -17.25 -14.50 12.91
CA THR B 232 -18.69 -14.29 12.87
C THR B 232 -19.05 -12.83 12.54
N TRP B 233 -18.29 -11.89 13.06
CA TRP B 233 -18.60 -10.45 12.97
C TRP B 233 -17.69 -9.75 11.98
N THR B 234 -18.33 -8.98 11.11
CA THR B 234 -17.61 -8.12 10.19
C THR B 234 -17.73 -6.74 10.78
N PRO B 235 -16.61 -6.17 11.23
CA PRO B 235 -16.65 -4.88 11.88
C PRO B 235 -16.91 -3.73 10.91
N PRO B 236 -18.03 -3.01 11.10
CA PRO B 236 -18.38 -1.93 10.19
C PRO B 236 -17.78 -0.58 10.61
N VAL B 237 -17.71 0.35 9.65
CA VAL B 237 -17.37 1.73 9.91
C VAL B 237 -18.66 2.49 9.62
N VAL B 238 -19.09 3.33 10.54
CA VAL B 238 -20.28 4.15 10.28
C VAL B 238 -19.95 5.62 10.51
N THR B 239 -20.84 6.48 10.05
CA THR B 239 -20.69 7.92 10.26
C THR B 239 -21.85 8.43 11.10
N ILE B 240 -21.55 9.40 11.94
CA ILE B 240 -22.55 9.99 12.83
C ILE B 240 -22.30 11.49 12.98
N SER B 241 -23.32 12.15 13.51
CA SER B 241 -23.16 13.42 14.20
C SER B 241 -23.49 13.19 15.68
N GLY B 242 -22.57 13.57 16.56
CA GLY B 242 -22.72 13.37 18.02
C GLY B 242 -23.68 14.34 18.69
N LEU B 243 -23.56 15.63 18.37
CA LEU B 243 -24.45 16.69 18.92
C LEU B 243 -25.92 16.53 18.53
N HIS B 244 -26.18 16.23 17.26
CA HIS B 244 -27.54 16.17 16.72
C HIS B 244 -28.20 14.81 16.88
N GLY B 245 -27.41 13.78 17.18
CA GLY B 245 -27.93 12.41 17.32
C GLY B 245 -28.03 11.59 16.03
N LYS B 246 -27.68 12.16 14.89
CA LYS B 246 -27.90 11.47 13.62
C LYS B 246 -27.00 10.25 13.48
N GLY B 247 -27.58 9.15 12.98
CA GLY B 247 -26.87 7.88 12.81
C GLY B 247 -26.74 6.99 14.05
N LEU B 248 -27.05 7.53 15.23
CA LEU B 248 -26.85 6.75 16.46
C LEU B 248 -27.82 5.58 16.51
N ASP B 249 -29.05 5.85 16.12
CA ASP B 249 -30.05 4.81 15.98
C ASP B 249 -29.49 3.57 15.28
N SER B 250 -28.91 3.82 14.11
CA SER B 250 -28.32 2.79 13.24
C SER B 250 -27.08 2.15 13.88
N LEU B 251 -26.24 2.98 14.48
CA LEU B 251 -25.09 2.50 15.24
C LEU B 251 -25.54 1.45 16.27
N TRP B 252 -26.54 1.78 17.07
CA TRP B 252 -27.01 0.89 18.10
C TRP B 252 -27.55 -0.40 17.55
N SER B 253 -28.30 -0.32 16.46
CA SER B 253 -28.89 -1.55 15.89
C SER B 253 -27.81 -2.52 15.41
N ARG B 254 -26.66 -2.02 15.00
CA ARG B 254 -25.56 -2.90 14.64
C ARG B 254 -24.98 -3.62 15.89
N ILE B 255 -24.93 -2.91 17.01
CA ILE B 255 -24.51 -3.54 18.26
C ILE B 255 -25.51 -4.62 18.65
N GLU B 256 -26.80 -4.38 18.48
CA GLU B 256 -27.81 -5.42 18.77
C GLU B 256 -27.61 -6.58 17.81
N ASP B 257 -27.27 -6.28 16.56
CA ASP B 257 -26.97 -7.31 15.56
C ASP B 257 -25.79 -8.22 16.00
N HIS B 258 -24.70 -7.62 16.46
CA HIS B 258 -23.53 -8.32 17.00
C HIS B 258 -23.97 -9.24 18.12
N ARG B 259 -24.86 -8.73 18.97
CA ARG B 259 -25.37 -9.49 20.08
C ARG B 259 -26.12 -10.75 19.66
N SER B 260 -27.11 -10.62 18.77
CA SER B 260 -27.79 -11.80 18.19
C SER B 260 -26.87 -12.80 17.55
N LYS B 261 -26.01 -12.31 16.67
CA LYS B 261 -25.07 -13.19 15.97
C LYS B 261 -24.10 -13.96 16.89
N LEU B 262 -23.51 -13.27 17.87
CA LEU B 262 -22.52 -13.92 18.72
C LEU B 262 -23.15 -14.70 19.88
N THR B 263 -24.41 -14.40 20.18
CA THR B 263 -25.20 -15.22 21.11
C THR B 263 -25.56 -16.57 20.47
N ALA B 264 -25.95 -16.55 19.20
CA ALA B 264 -26.33 -17.80 18.53
C ALA B 264 -25.15 -18.78 18.37
N THR B 265 -23.91 -18.27 18.41
CA THR B 265 -22.72 -19.13 18.35
C THR B 265 -22.13 -19.42 19.72
N GLY B 266 -22.68 -18.81 20.77
CA GLY B 266 -22.13 -18.94 22.11
C GLY B 266 -20.87 -18.10 22.35
N GLU B 267 -20.58 -17.19 21.43
CA GLU B 267 -19.32 -16.46 21.53
C GLU B 267 -19.32 -15.35 22.56
N ILE B 268 -20.49 -14.78 22.82
CA ILE B 268 -20.57 -13.72 23.81
C ILE B 268 -20.30 -14.28 25.21
N ALA B 269 -20.95 -15.41 25.55
CA ALA B 269 -20.76 -16.08 26.83
C ALA B 269 -19.34 -16.58 26.94
N GLY B 270 -18.85 -17.22 25.88
CA GLY B 270 -17.49 -17.73 25.88
C GLY B 270 -16.47 -16.63 26.16
N LYS B 271 -16.68 -15.44 25.60
CA LYS B 271 -15.76 -14.32 25.83
C LYS B 271 -15.90 -13.81 27.27
N ARG B 272 -17.14 -13.70 27.79
CA ARG B 272 -17.35 -13.29 29.18
C ARG B 272 -16.67 -14.18 30.19
N ARG B 273 -16.67 -15.50 29.95
CA ARG B 273 -15.99 -16.43 30.83
C ARG B 273 -14.49 -16.27 30.84
N GLU B 274 -13.87 -16.10 29.69
CA GLU B 274 -12.44 -15.83 29.70
C GLU B 274 -12.05 -14.46 30.33
N GLN B 275 -12.84 -13.43 30.08
CA GLN B 275 -12.69 -12.16 30.81
C GLN B 275 -12.87 -12.37 32.33
N ASP B 276 -13.87 -13.16 32.72
CA ASP B 276 -14.10 -13.42 34.15
C ASP B 276 -12.85 -13.98 34.82
N VAL B 277 -12.18 -14.91 34.16
CA VAL B 277 -11.00 -15.51 34.73
C VAL B 277 -9.82 -14.54 34.73
N LYS B 278 -9.69 -13.75 33.67
CA LYS B 278 -8.64 -12.71 33.68
C LYS B 278 -8.86 -11.73 34.86
N TRP B 279 -10.12 -11.38 35.16
CA TRP B 279 -10.39 -10.50 36.31
C TRP B 279 -10.12 -11.10 37.66
N MET B 280 -10.36 -12.39 37.81
CA MET B 280 -9.99 -13.10 39.01
C MET B 280 -8.50 -13.00 39.22
N TRP B 281 -7.72 -13.25 38.18
CA TRP B 281 -6.27 -13.15 38.32
C TRP B 281 -5.79 -11.76 38.58
N ALA B 282 -6.41 -10.74 37.95
CA ALA B 282 -6.08 -9.33 38.26
C ALA B 282 -6.27 -9.06 39.73
N LEU B 283 -7.37 -9.59 40.28
CA LEU B 283 -7.66 -9.42 41.70
C LEU B 283 -6.67 -10.14 42.61
N VAL B 284 -6.21 -11.32 42.21
CA VAL B 284 -5.13 -11.96 42.96
C VAL B 284 -3.87 -11.11 42.89
N HIS B 285 -3.53 -10.63 41.70
CA HIS B 285 -2.34 -9.84 41.50
C HIS B 285 -2.44 -8.52 42.20
N GLU B 286 -3.61 -7.89 42.28
CA GLU B 286 -3.75 -6.63 43.03
C GLU B 286 -3.44 -6.84 44.53
N ARG B 287 -3.83 -8.01 45.04
CA ARG B 287 -3.57 -8.41 46.41
C ARG B 287 -2.09 -8.60 46.70
N LEU B 288 -1.36 -9.15 45.74
CA LEU B 288 0.11 -9.14 45.81
C LEU B 288 0.66 -7.69 45.73
N HIS B 289 0.15 -6.86 44.83
CA HIS B 289 0.58 -5.44 44.76
C HIS B 289 0.51 -4.75 46.10
N GLN B 290 -0.59 -4.95 46.80
CA GLN B 290 -0.81 -4.34 48.11
C GLN B 290 0.25 -4.74 49.14
N ARG B 291 0.70 -5.99 49.05
CA ARG B 291 1.78 -6.49 49.90
C ARG B 291 3.06 -5.72 49.61
N LEU B 292 3.34 -5.52 48.34
CA LEU B 292 4.54 -4.84 47.88
C LEU B 292 4.52 -3.35 48.17
N VAL B 293 3.46 -2.86 48.81
CA VAL B 293 3.40 -1.47 49.19
C VAL B 293 2.80 -1.33 50.57
N GLY B 294 3.04 -2.36 51.40
CA GLY B 294 2.39 -2.47 52.71
C GLY B 294 3.10 -1.78 53.87
N SER B 295 4.29 -1.24 53.64
CA SER B 295 5.00 -0.48 54.66
C SER B 295 6.11 0.30 53.99
N ALA B 296 6.64 1.30 54.69
CA ALA B 296 7.72 2.17 54.15
C ALA B 296 8.91 1.37 53.67
N GLU B 297 9.41 0.52 54.57
CA GLU B 297 10.56 -0.35 54.32
C GLU B 297 10.38 -1.18 53.05
N VAL B 298 9.23 -1.83 52.92
CA VAL B 298 8.99 -2.64 51.73
C VAL B 298 8.85 -1.79 50.47
N ARG B 299 8.16 -0.66 50.61
CA ARG B 299 7.99 0.22 49.45
C ARG B 299 9.34 0.74 48.93
N GLN B 300 10.23 1.04 49.84
CA GLN B 300 11.52 1.63 49.49
C GLN B 300 12.46 0.62 48.82
N ALA B 301 12.54 -0.57 49.39
CA ALA B 301 13.37 -1.63 48.81
C ALA B 301 12.87 -2.02 47.42
N THR B 302 11.56 -2.21 47.33
CA THR B 302 10.91 -2.44 46.04
C THR B 302 11.33 -1.45 44.98
N ALA B 303 11.19 -0.17 45.32
CA ALA B 303 11.42 0.87 44.34
C ALA B 303 12.90 0.90 43.95
N GLU B 304 13.79 0.72 44.92
CA GLU B 304 15.22 0.61 44.61
C GLU B 304 15.54 -0.56 43.66
N ALA B 305 14.95 -1.72 43.93
CA ALA B 305 15.17 -2.85 43.05
C ALA B 305 14.77 -2.51 41.61
N GLU B 306 13.61 -1.90 41.44
CA GLU B 306 13.18 -1.51 40.11
C GLU B 306 14.18 -0.52 39.46
N ARG B 307 14.60 0.46 40.24
CA ARG B 307 15.54 1.48 39.80
CA ARG B 307 15.54 1.47 39.79
C ARG B 307 16.84 0.83 39.31
N ALA B 308 17.27 -0.23 40.02
CA ALA B 308 18.51 -0.93 39.65
C ALA B 308 18.36 -1.77 38.38
N VAL B 309 17.15 -2.21 38.09
CA VAL B 309 16.93 -2.99 36.89
C VAL B 309 16.85 -2.07 35.68
N ALA B 310 16.04 -1.01 35.76
CA ALA B 310 16.03 0.00 34.68
C ALA B 310 17.41 0.58 34.39
N GLY B 311 18.20 0.77 35.45
CA GLY B 311 19.54 1.34 35.33
C GLY B 311 20.63 0.39 34.90
N GLY B 312 20.34 -0.90 34.80
CA GLY B 312 21.33 -1.85 34.31
C GLY B 312 22.32 -2.32 35.37
N GLU B 313 21.94 -2.17 36.64
CA GLU B 313 22.83 -2.53 37.74
C GLU B 313 22.61 -3.96 38.22
N HIS B 314 21.37 -4.42 38.21
CA HIS B 314 21.11 -5.82 38.45
C HIS B 314 20.21 -6.31 37.36
N SER B 315 20.26 -7.61 37.06
CA SER B 315 19.37 -8.16 36.04
C SER B 315 17.94 -8.24 36.57
N PRO B 316 16.97 -8.38 35.66
CA PRO B 316 15.56 -8.47 36.04
C PRO B 316 15.29 -9.59 37.06
N ALA B 317 15.97 -10.73 36.90
CA ALA B 317 15.82 -11.85 37.83
C ALA B 317 16.39 -11.57 39.20
N ALA B 318 17.40 -10.73 39.29
CA ALA B 318 17.96 -10.34 40.60
C ALA B 318 17.08 -9.35 41.29
N GLY B 319 16.47 -8.47 40.49
CA GLY B 319 15.48 -7.56 41.02
C GLY B 319 14.33 -8.35 41.58
N ALA B 320 13.89 -9.34 40.81
CA ALA B 320 12.72 -10.11 41.18
C ALA B 320 12.96 -10.88 42.47
N ASP B 321 14.13 -11.50 42.57
CA ASP B 321 14.54 -12.24 43.78
CA ASP B 321 14.47 -12.26 43.76
C ASP B 321 14.53 -11.38 45.01
N ALA B 322 15.09 -10.18 44.90
CA ALA B 322 15.11 -9.25 46.03
C ALA B 322 13.69 -8.83 46.43
N ILE B 323 12.84 -8.61 45.45
CA ILE B 323 11.48 -8.17 45.76
C ILE B 323 10.72 -9.32 46.43
N ALA B 324 10.80 -10.51 45.81
CA ALA B 324 10.12 -11.69 46.29
C ALA B 324 10.59 -12.12 47.67
N THR B 325 11.84 -11.82 48.00
CA THR B 325 12.39 -12.17 49.30
C THR B 325 11.85 -11.26 50.38
N LEU B 326 11.65 -9.99 50.06
CA LEU B 326 11.00 -9.09 51.00
C LEU B 326 9.59 -9.51 51.39
N ILE B 327 8.96 -10.36 50.57
CA ILE B 327 7.58 -10.81 50.84
C ILE B 327 7.52 -12.32 51.11
N GLY B 328 8.02 -13.15 50.19
CA GLY B 328 7.95 -14.62 50.30
C GLY B 328 7.95 -15.28 48.93
N PRO C 6 30.33 -26.33 40.71
CA PRO C 6 31.08 -25.70 39.61
C PRO C 6 31.66 -24.34 40.01
N ASP C 7 32.91 -24.07 39.63
CA ASP C 7 33.58 -22.84 40.05
C ASP C 7 33.04 -21.65 39.24
N MET C 8 32.44 -20.69 39.94
CA MET C 8 31.66 -19.63 39.30
C MET C 8 32.51 -18.46 38.81
N ASP C 9 33.68 -18.25 39.41
CA ASP C 9 34.60 -17.23 38.87
C ASP C 9 35.18 -17.74 37.55
N THR C 10 35.56 -19.01 37.52
CA THR C 10 36.12 -19.61 36.34
C THR C 10 35.05 -19.72 35.26
N LEU C 11 33.83 -20.05 35.67
CA LEU C 11 32.75 -20.17 34.72
C LEU C 11 32.52 -18.82 34.04
N ARG C 12 32.43 -17.78 34.85
CA ARG C 12 32.30 -16.41 34.35
C ARG C 12 33.41 -16.07 33.36
N GLU C 13 34.66 -16.21 33.79
CA GLU C 13 35.85 -15.98 32.94
C GLU C 13 35.74 -16.69 31.61
N ARG C 14 35.40 -17.96 31.67
CA ARG C 14 35.30 -18.75 30.47
C ARG C 14 34.15 -18.28 29.58
N LEU C 15 33.05 -17.84 30.19
CA LEU C 15 31.91 -17.39 29.38
C LEU C 15 32.33 -16.16 28.60
N LEU C 16 32.94 -15.21 29.31
CA LEU C 16 33.42 -13.96 28.71
C LEU C 16 34.49 -14.19 27.66
N ALA C 17 35.28 -15.25 27.82
CA ALA C 17 36.29 -15.60 26.82
C ALA C 17 35.69 -16.28 25.60
N GLY C 18 34.38 -16.49 25.60
CA GLY C 18 33.68 -17.04 24.42
C GLY C 18 33.59 -18.56 24.43
N ASP C 19 33.94 -19.17 25.57
CA ASP C 19 33.87 -20.63 25.67
C ASP C 19 32.41 -21.11 25.60
N ARG C 20 32.08 -21.76 24.51
CA ARG C 20 30.72 -22.22 24.23
C ARG C 20 30.10 -23.15 25.28
N ALA C 21 30.94 -23.97 25.90
CA ALA C 21 30.51 -24.94 26.88
C ALA C 21 30.12 -24.24 28.16
N ALA C 22 30.89 -23.23 28.52
CA ALA C 22 30.59 -22.41 29.68
C ALA C 22 29.28 -21.64 29.48
N LEU C 23 29.03 -21.16 28.26
CA LEU C 23 27.77 -20.49 27.96
C LEU C 23 26.61 -21.42 28.24
N ALA C 24 26.65 -22.61 27.63
CA ALA C 24 25.62 -23.65 27.78
C ALA C 24 25.47 -24.04 29.21
N ARG C 25 26.60 -24.10 29.91
CA ARG C 25 26.55 -24.42 31.32
C ARG C 25 25.79 -23.34 32.07
N ALA C 26 26.16 -22.09 31.86
CA ALA C 26 25.56 -20.97 32.61
C ALA C 26 24.10 -20.86 32.27
N ILE C 27 23.77 -21.07 31.00
CA ILE C 27 22.38 -20.99 30.60
C ILE C 27 21.57 -22.07 31.32
N THR C 28 22.19 -23.23 31.54
CA THR C 28 21.50 -24.36 32.12
C THR C 28 21.23 -24.09 33.58
N LEU C 29 22.20 -23.55 34.29
CA LEU C 29 21.93 -23.06 35.63
C LEU C 29 20.84 -21.97 35.60
N ALA C 30 21.04 -20.95 34.77
CA ALA C 30 20.07 -19.84 34.74
C ALA C 30 18.65 -20.33 34.42
N GLU C 31 18.52 -21.16 33.39
CA GLU C 31 17.21 -21.73 33.00
C GLU C 31 16.72 -22.87 33.92
N SER C 32 17.54 -23.31 34.90
CA SER C 32 17.14 -24.41 35.78
C SER C 32 15.85 -24.07 36.50
N ARG C 33 15.05 -25.10 36.76
CA ARG C 33 13.85 -24.97 37.58
C ARG C 33 14.09 -25.27 39.07
N ARG C 34 15.30 -25.73 39.44
CA ARG C 34 15.69 -25.79 40.85
C ARG C 34 16.28 -24.41 41.22
N ALA C 35 15.93 -23.91 42.40
CA ALA C 35 16.28 -22.53 42.81
C ALA C 35 17.67 -22.38 43.45
N ASP C 36 18.15 -23.42 44.14
CA ASP C 36 19.53 -23.46 44.67
C ASP C 36 20.58 -23.15 43.59
N HIS C 37 20.27 -23.55 42.36
CA HIS C 37 21.08 -23.22 41.19
C HIS C 37 20.95 -21.77 40.82
N ARG C 38 19.72 -21.33 40.56
CA ARG C 38 19.44 -19.96 40.11
C ARG C 38 20.20 -18.91 40.92
N ALA C 39 20.36 -19.14 42.22
CA ALA C 39 21.06 -18.20 43.10
C ALA C 39 22.50 -17.95 42.66
N ALA C 40 23.20 -19.03 42.34
CA ALA C 40 24.63 -18.97 42.02
C ALA C 40 24.88 -18.11 40.80
N VAL C 41 24.18 -18.46 39.72
CA VAL C 41 24.38 -17.84 38.42
C VAL C 41 23.82 -16.42 38.40
N ARG C 42 23.03 -16.06 39.40
CA ARG C 42 22.44 -14.73 39.43
C ARG C 42 23.52 -13.69 39.69
N ASP C 43 24.48 -14.00 40.56
CA ASP C 43 25.66 -13.14 40.74
C ASP C 43 26.53 -13.11 39.48
N LEU C 44 26.66 -14.25 38.80
CA LEU C 44 27.40 -14.27 37.56
C LEU C 44 26.78 -13.32 36.53
N ILE C 45 25.47 -13.35 36.41
CA ILE C 45 24.79 -12.52 35.40
C ILE C 45 25.00 -11.05 35.71
N ASP C 46 24.66 -10.67 36.93
CA ASP C 46 24.94 -9.33 37.44
C ASP C 46 26.37 -8.93 37.15
N ALA C 47 27.32 -9.78 37.51
CA ALA C 47 28.74 -9.51 37.20
C ALA C 47 29.03 -9.23 35.71
N VAL C 48 28.34 -9.89 34.78
CA VAL C 48 28.60 -9.65 33.35
C VAL C 48 27.67 -8.63 32.68
N LEU C 49 26.79 -8.01 33.44
CA LEU C 49 25.81 -7.09 32.85
C LEU C 49 26.45 -5.99 32.00
N PRO C 50 27.56 -5.42 32.47
CA PRO C 50 28.28 -4.43 31.65
C PRO C 50 28.72 -4.91 30.23
N GLN C 51 28.87 -6.22 30.03
CA GLN C 51 29.19 -6.76 28.70
C GLN C 51 27.95 -7.07 27.83
N THR C 52 26.75 -6.78 28.32
CA THR C 52 25.55 -7.12 27.58
C THR C 52 25.08 -5.95 26.76
N GLY C 53 24.15 -6.21 25.84
CA GLY C 53 23.45 -5.15 25.13
C GLY C 53 24.03 -4.76 23.79
N ARG C 54 25.26 -5.14 23.49
CA ARG C 54 25.86 -4.79 22.21
C ARG C 54 25.39 -5.77 21.15
N ALA C 55 24.13 -5.71 20.82
CA ALA C 55 23.56 -6.73 19.95
C ALA C 55 22.28 -6.25 19.34
N ILE C 56 21.91 -6.84 18.22
CA ILE C 56 20.64 -6.57 17.59
C ILE C 56 19.73 -7.73 17.94
N ARG C 57 18.63 -7.43 18.63
CA ARG C 57 17.72 -8.46 19.08
C ARG C 57 16.48 -8.40 18.21
N VAL C 58 16.17 -9.51 17.58
CA VAL C 58 15.07 -9.60 16.67
C VAL C 58 14.12 -10.74 17.04
N GLY C 59 12.84 -10.38 17.15
CA GLY C 59 11.78 -11.30 17.37
C GLY C 59 11.15 -11.66 16.04
N ILE C 60 10.80 -12.94 15.88
CA ILE C 60 10.31 -13.49 14.63
C ILE C 60 9.13 -14.43 14.92
N THR C 61 8.03 -14.24 14.19
CA THR C 61 6.82 -15.04 14.34
C THR C 61 6.13 -15.27 12.99
N GLY C 62 5.18 -16.19 12.99
CA GLY C 62 4.46 -16.58 11.79
C GLY C 62 3.74 -17.86 12.09
N VAL C 63 2.87 -18.30 11.19
CA VAL C 63 2.15 -19.55 11.38
C VAL C 63 2.83 -20.81 10.82
N PRO C 64 3.53 -20.72 9.65
CA PRO C 64 4.09 -21.97 9.11
C PRO C 64 5.39 -22.38 9.84
N GLY C 65 5.34 -23.52 10.52
CA GLY C 65 6.50 -24.03 11.25
C GLY C 65 7.69 -24.26 10.33
N VAL C 66 7.45 -24.98 9.24
CA VAL C 66 8.49 -25.33 8.26
C VAL C 66 9.07 -24.08 7.55
N GLY C 67 8.19 -23.19 7.09
CA GLY C 67 8.57 -21.92 6.42
C GLY C 67 9.42 -20.97 7.25
N LYS C 68 9.05 -20.80 8.53
CA LYS C 68 9.82 -19.94 9.45
C LYS C 68 11.21 -20.49 9.73
N SER C 69 11.25 -21.78 10.04
CA SER C 69 12.52 -22.43 10.38
C SER C 69 13.56 -22.29 9.27
N THR C 70 13.15 -22.61 8.04
CA THR C 70 14.01 -22.46 6.85
C THR C 70 14.44 -21.02 6.67
N THR C 71 13.49 -20.10 6.82
CA THR C 71 13.80 -18.66 6.66
C THR C 71 14.85 -18.25 7.68
N ILE C 72 14.65 -18.68 8.92
CA ILE C 72 15.58 -18.33 9.97
C ILE C 72 16.91 -19.01 9.69
N ASP C 73 16.85 -20.25 9.21
CA ASP C 73 18.09 -20.99 8.96
C ASP C 73 18.89 -20.22 7.95
N ALA C 74 18.22 -19.82 6.87
CA ALA C 74 18.89 -19.07 5.82
C ALA C 74 19.35 -17.71 6.34
N LEU C 75 18.53 -17.02 7.13
CA LEU C 75 18.93 -15.69 7.62
C LEU C 75 20.15 -15.77 8.52
N GLY C 76 20.13 -16.65 9.51
CA GLY C 76 21.30 -16.80 10.37
C GLY C 76 22.56 -17.20 9.61
N SER C 77 22.42 -18.06 8.59
CA SER C 77 23.60 -18.53 7.86
C SER C 77 24.19 -17.37 7.07
N LEU C 78 23.31 -16.58 6.44
CA LEU C 78 23.72 -15.31 5.86
C LEU C 78 24.62 -14.56 6.84
N LEU C 79 24.14 -14.39 8.07
CA LEU C 79 24.80 -13.54 9.05
C LEU C 79 26.09 -14.17 9.60
N THR C 80 26.12 -15.49 9.76
CA THR C 80 27.37 -16.10 10.22
C THR C 80 28.42 -15.99 9.12
N ALA C 81 27.99 -16.19 7.88
CA ALA C 81 28.87 -16.00 6.73
C ALA C 81 29.43 -14.57 6.72
N ALA C 82 28.66 -13.58 7.17
CA ALA C 82 29.20 -12.21 7.26
C ALA C 82 30.02 -11.92 8.51
N GLY C 83 30.24 -12.91 9.37
CA GLY C 83 31.11 -12.72 10.54
C GLY C 83 30.38 -12.44 11.86
N HIS C 84 29.05 -12.55 11.83
CA HIS C 84 28.23 -12.35 13.01
C HIS C 84 28.13 -13.61 13.81
N LYS C 85 28.06 -13.46 15.13
CA LYS C 85 27.78 -14.58 16.02
C LYS C 85 26.29 -14.50 16.42
N VAL C 86 25.53 -15.53 16.03
CA VAL C 86 24.07 -15.51 16.04
C VAL C 86 23.42 -16.53 16.99
N ALA C 87 22.75 -16.03 18.03
CA ALA C 87 21.92 -16.87 18.88
C ALA C 87 20.48 -16.99 18.34
N VAL C 88 19.93 -18.20 18.43
CA VAL C 88 18.52 -18.46 18.14
C VAL C 88 17.83 -19.07 19.34
N LEU C 89 16.90 -18.34 19.91
CA LEU C 89 16.23 -18.74 21.13
C LEU C 89 14.73 -18.81 20.94
N ALA C 90 14.13 -19.93 21.31
CA ALA C 90 12.70 -20.11 21.17
C ALA C 90 11.96 -19.77 22.46
N VAL C 91 10.76 -19.25 22.28
CA VAL C 91 9.80 -19.07 23.32
C VAL C 91 8.58 -19.89 22.91
N ASP C 92 8.20 -20.83 23.75
CA ASP C 92 7.05 -21.72 23.49
C ASP C 92 6.10 -21.64 24.67
N PRO C 93 4.84 -21.24 24.45
CA PRO C 93 3.97 -21.16 25.62
C PRO C 93 3.74 -22.51 26.30
N SER C 94 3.75 -23.61 25.56
CA SER C 94 3.60 -24.94 26.17
C SER C 94 4.88 -25.46 26.86
N SER C 95 5.87 -24.58 27.03
CA SER C 95 6.97 -24.83 27.97
C SER C 95 6.49 -24.74 29.42
N THR C 96 5.33 -24.11 29.61
CA THR C 96 4.70 -24.08 30.92
C THR C 96 4.10 -25.45 31.27
N ARG C 97 4.09 -26.35 30.28
CA ARG C 97 3.53 -27.71 30.39
C ARG C 97 4.52 -28.81 29.91
N THR C 98 5.80 -28.47 29.84
CA THR C 98 6.87 -29.45 29.61
C THR C 98 8.07 -29.10 30.53
N GLY C 99 9.03 -30.01 30.62
CA GLY C 99 10.24 -29.76 31.38
C GLY C 99 11.41 -29.29 30.54
N GLY C 100 11.12 -28.69 29.39
CA GLY C 100 12.14 -28.30 28.42
C GLY C 100 12.70 -29.50 27.67
N SER C 101 13.69 -29.23 26.81
CA SER C 101 14.36 -30.25 26.03
C SER C 101 15.84 -30.28 26.41
N ILE C 102 16.47 -31.44 26.31
CA ILE C 102 17.91 -31.51 26.56
C ILE C 102 18.67 -31.17 25.28
N LEU C 103 18.48 -31.98 24.24
CA LEU C 103 19.08 -31.75 22.93
C LEU C 103 18.47 -30.56 22.17
N GLY C 104 17.18 -30.31 22.38
CA GLY C 104 16.46 -29.35 21.56
C GLY C 104 16.19 -29.94 20.19
N ASP C 105 15.73 -29.11 19.26
CA ASP C 105 15.42 -29.55 17.90
C ASP C 105 16.16 -28.69 16.89
N LYS C 106 17.42 -29.02 16.70
CA LYS C 106 18.25 -28.33 15.72
C LYS C 106 18.28 -29.06 14.35
N THR C 107 17.41 -30.05 14.18
CA THR C 107 17.04 -30.59 12.87
C THR C 107 16.43 -29.51 11.98
N ARG C 108 15.41 -28.83 12.51
CA ARG C 108 14.62 -27.90 11.71
C ARG C 108 15.40 -26.71 11.18
N MET C 109 16.52 -26.38 11.82
CA MET C 109 17.48 -25.43 11.25
C MET C 109 18.82 -26.12 10.96
N ALA C 110 18.81 -26.98 9.94
CA ALA C 110 19.90 -27.90 9.66
C ALA C 110 21.27 -27.22 9.47
N ARG C 111 21.31 -26.09 8.76
CA ARG C 111 22.59 -25.41 8.56
C ARG C 111 23.12 -24.85 9.86
N LEU C 112 22.28 -24.16 10.63
CA LEU C 112 22.72 -23.55 11.89
C LEU C 112 23.05 -24.55 12.99
N ALA C 113 22.48 -25.74 12.92
CA ALA C 113 22.76 -26.80 13.90
C ALA C 113 24.24 -27.15 14.00
N ILE C 114 24.96 -26.99 12.88
CA ILE C 114 26.37 -27.36 12.79
C ILE C 114 27.25 -26.15 12.46
N ASP C 115 26.71 -24.95 12.70
CA ASP C 115 27.40 -23.73 12.36
C ASP C 115 28.00 -23.24 13.65
N ARG C 116 29.31 -23.41 13.81
CA ARG C 116 29.99 -23.15 15.08
C ARG C 116 29.93 -21.67 15.53
N ASN C 117 29.43 -20.80 14.68
CA ASN C 117 29.19 -19.41 15.07
C ASN C 117 27.72 -19.15 15.42
N ALA C 118 26.89 -20.19 15.34
CA ALA C 118 25.51 -20.08 15.77
C ALA C 118 25.29 -20.87 17.04
N PHE C 119 24.25 -20.53 17.78
CA PHE C 119 23.96 -21.12 19.07
C PHE C 119 22.45 -21.15 19.24
N ILE C 120 21.90 -22.36 19.20
CA ILE C 120 20.45 -22.57 19.31
C ILE C 120 20.07 -23.10 20.68
N ARG C 121 18.99 -22.57 21.26
CA ARG C 121 18.41 -23.10 22.49
C ARG C 121 16.91 -23.30 22.36
N PRO C 122 16.39 -24.41 22.89
CA PRO C 122 14.96 -24.55 22.94
C PRO C 122 14.39 -23.65 24.04
N SER C 123 13.09 -23.53 24.04
CA SER C 123 12.34 -22.76 25.03
C SER C 123 12.56 -23.29 26.46
N PRO C 124 12.82 -22.38 27.44
CA PRO C 124 12.89 -22.82 28.83
C PRO C 124 11.52 -23.14 29.42
N SER C 125 11.52 -24.00 30.42
CA SER C 125 10.31 -24.35 31.13
C SER C 125 10.10 -23.38 32.28
N SER C 126 8.85 -23.13 32.60
CA SER C 126 8.49 -22.32 33.72
C SER C 126 6.99 -22.46 33.91
N GLY C 127 6.48 -21.96 35.03
CA GLY C 127 5.06 -22.05 35.32
C GLY C 127 4.17 -21.08 34.55
N THR C 128 4.75 -20.01 34.03
CA THR C 128 3.98 -19.04 33.25
C THR C 128 4.72 -18.57 32.00
N LEU C 129 3.95 -18.10 31.03
CA LEU C 129 4.52 -17.54 29.82
C LEU C 129 5.48 -16.43 30.21
N GLY C 130 5.04 -15.59 31.15
CA GLY C 130 5.88 -14.54 31.69
C GLY C 130 7.20 -15.10 32.15
N GLY C 131 7.14 -16.24 32.84
CA GLY C 131 8.34 -16.91 33.35
C GLY C 131 9.22 -17.41 32.25
N VAL C 132 8.63 -18.05 31.24
CA VAL C 132 9.42 -18.56 30.13
C VAL C 132 10.15 -17.39 29.48
N ALA C 133 9.40 -16.33 29.18
CA ALA C 133 9.97 -15.15 28.55
C ALA C 133 11.04 -14.54 29.42
N ALA C 134 10.80 -14.48 30.72
CA ALA C 134 11.76 -13.83 31.61
C ALA C 134 13.08 -14.58 31.63
N LYS C 135 13.01 -15.92 31.60
CA LYS C 135 14.22 -16.75 31.55
C LYS C 135 14.95 -16.57 30.24
N THR C 136 14.19 -16.45 29.16
CA THR C 136 14.80 -16.18 27.87
C THR C 136 15.60 -14.85 27.90
N ARG C 137 15.13 -13.83 28.61
CA ARG C 137 15.86 -12.57 28.70
C ARG C 137 17.20 -12.76 29.42
N GLU C 138 17.23 -13.52 30.49
CA GLU C 138 18.48 -13.79 31.19
C GLU C 138 19.45 -14.56 30.28
N THR C 139 18.90 -15.45 29.47
CA THR C 139 19.68 -16.18 28.50
C THR C 139 20.28 -15.30 27.43
N MET C 140 19.50 -14.34 26.96
CA MET C 140 19.95 -13.37 25.98
C MET C 140 21.14 -12.59 26.51
N LEU C 141 21.02 -12.15 27.75
CA LEU C 141 22.10 -11.47 28.44
C LEU C 141 23.35 -12.35 28.54
N LEU C 142 23.19 -13.64 28.79
CA LEU C 142 24.37 -14.53 28.87
C LEU C 142 25.03 -14.62 27.50
N CYS C 143 24.21 -14.78 26.46
CA CYS C 143 24.68 -14.88 25.09
C CYS C 143 25.39 -13.59 24.63
N GLU C 144 24.80 -12.44 24.97
CA GLU C 144 25.43 -11.15 24.67
C GLU C 144 26.80 -11.02 25.33
N ALA C 145 26.90 -11.33 26.63
CA ALA C 145 28.16 -11.26 27.35
C ALA C 145 29.23 -12.16 26.78
N ALA C 146 28.79 -13.22 26.09
CA ALA C 146 29.67 -14.19 25.50
C ALA C 146 30.02 -13.85 24.06
N GLY C 147 29.62 -12.65 23.61
CA GLY C 147 30.05 -12.16 22.30
C GLY C 147 29.07 -12.39 21.17
N PHE C 148 27.87 -12.86 21.45
CA PHE C 148 26.90 -12.99 20.36
C PHE C 148 26.31 -11.61 20.06
N ASP C 149 26.21 -11.25 18.79
CA ASP C 149 25.82 -9.87 18.42
C ASP C 149 24.51 -9.78 17.65
N VAL C 150 23.94 -10.93 17.31
CA VAL C 150 22.61 -11.01 16.78
C VAL C 150 21.84 -12.06 17.59
N ILE C 151 20.75 -11.64 18.22
CA ILE C 151 19.91 -12.51 19.01
C ILE C 151 18.55 -12.59 18.36
N LEU C 152 18.25 -13.72 17.73
CA LEU C 152 16.96 -14.00 17.17
C LEU C 152 16.13 -14.81 18.15
N VAL C 153 14.95 -14.27 18.48
CA VAL C 153 14.03 -14.94 19.31
C VAL C 153 12.77 -15.27 18.52
N GLU C 154 12.48 -16.56 18.39
CA GLU C 154 11.27 -17.02 17.72
C GLU C 154 10.14 -17.57 18.64
N THR C 155 8.92 -17.28 18.23
CA THR C 155 7.73 -17.93 18.75
C THR C 155 7.67 -19.35 18.21
N VAL C 156 7.39 -20.34 19.05
CA VAL C 156 7.34 -21.73 18.61
C VAL C 156 6.03 -22.44 18.96
N GLY C 157 5.37 -22.07 20.03
CA GLY C 157 4.17 -22.84 20.38
C GLY C 157 3.02 -22.74 19.37
N VAL C 158 1.84 -23.12 19.83
CA VAL C 158 0.59 -22.77 19.15
C VAL C 158 0.06 -21.49 19.79
N GLY C 159 0.41 -21.30 21.06
CA GLY C 159 -0.23 -20.31 21.91
C GLY C 159 0.13 -18.86 21.64
N GLN C 160 -0.30 -17.98 22.53
CA GLN C 160 -0.13 -16.56 22.31
C GLN C 160 1.19 -16.13 22.90
N SER C 161 2.26 -16.32 22.14
CA SER C 161 3.56 -15.82 22.57
C SER C 161 4.04 -14.56 21.85
N GLU C 162 3.26 -14.04 20.89
CA GLU C 162 3.79 -12.94 20.07
C GLU C 162 4.15 -11.72 20.88
N THR C 163 3.30 -11.31 21.79
CA THR C 163 3.56 -10.09 22.55
C THR C 163 4.76 -10.28 23.46
N ALA C 164 4.89 -11.46 24.04
CA ALA C 164 6.09 -11.74 24.83
C ALA C 164 7.33 -11.55 23.97
N VAL C 165 7.36 -12.18 22.81
CA VAL C 165 8.55 -12.11 21.98
C VAL C 165 8.86 -10.66 21.53
N ALA C 166 7.82 -9.88 21.21
CA ALA C 166 7.98 -8.45 20.89
C ALA C 166 8.60 -7.73 22.07
N ASP C 167 8.14 -8.05 23.27
CA ASP C 167 8.66 -7.48 24.49
C ASP C 167 10.01 -8.03 24.94
N LEU C 168 10.59 -8.94 24.15
CA LEU C 168 11.95 -9.45 24.42
C LEU C 168 13.01 -8.88 23.48
N THR C 169 12.57 -8.12 22.46
CA THR C 169 13.41 -7.74 21.38
C THR C 169 13.30 -6.24 20.96
N ASP C 170 14.16 -5.83 20.03
CA ASP C 170 14.21 -4.43 19.57
C ASP C 170 13.35 -4.29 18.35
N PHE C 171 13.21 -5.39 17.59
CA PHE C 171 12.56 -5.37 16.31
C PHE C 171 11.74 -6.64 16.20
N PHE C 172 10.48 -6.50 15.74
CA PHE C 172 9.58 -7.62 15.62
C PHE C 172 9.17 -7.87 14.17
N LEU C 173 9.63 -9.00 13.65
CA LEU C 173 9.41 -9.42 12.30
C LEU C 173 8.30 -10.47 12.23
N VAL C 174 7.34 -10.24 11.34
CA VAL C 174 6.25 -11.13 11.11
C VAL C 174 6.42 -11.75 9.73
N LEU C 175 6.43 -13.09 9.69
CA LEU C 175 6.50 -13.83 8.42
C LEU C 175 5.14 -14.30 8.04
N MET C 176 4.88 -14.36 6.75
CA MET C 176 3.57 -14.65 6.25
C MET C 176 3.73 -15.38 4.92
N LEU C 177 2.85 -16.33 4.63
CA LEU C 177 2.92 -17.03 3.35
C LEU C 177 1.50 -17.22 2.89
N PRO C 178 1.16 -16.72 1.68
CA PRO C 178 -0.24 -16.86 1.24
C PRO C 178 -0.66 -18.32 1.00
N GLY C 179 -1.82 -18.69 1.57
CA GLY C 179 -2.25 -20.09 1.64
C GLY C 179 -1.75 -20.88 2.86
N ALA C 180 -0.89 -20.26 3.68
CA ALA C 180 -0.29 -20.96 4.84
C ALA C 180 -1.32 -21.42 5.85
N GLY C 181 -1.12 -22.62 6.38
CA GLY C 181 -2.09 -23.27 7.26
C GLY C 181 -3.33 -23.59 6.46
N ASP C 182 -4.09 -24.59 6.89
CA ASP C 182 -5.27 -25.02 6.11
C ASP C 182 -6.11 -23.81 5.66
N GLU C 183 -6.67 -23.08 6.62
CA GLU C 183 -7.42 -21.83 6.36
C GLU C 183 -7.32 -20.91 7.60
N LEU C 184 -7.70 -19.63 7.54
CA LEU C 184 -8.04 -18.86 6.33
C LEU C 184 -7.22 -17.57 6.31
N GLN C 185 -6.13 -17.52 7.08
CA GLN C 185 -5.55 -16.25 7.57
C GLN C 185 -4.03 -16.16 7.57
N GLY C 186 -3.52 -15.02 7.12
CA GLY C 186 -2.10 -14.84 6.87
C GLY C 186 -1.34 -14.47 8.11
N ILE C 187 -1.78 -13.42 8.77
CA ILE C 187 -1.12 -12.89 9.95
C ILE C 187 -2.07 -12.98 11.15
N LYS C 188 -1.58 -13.39 12.32
CA LYS C 188 -2.51 -13.71 13.42
C LYS C 188 -3.20 -12.46 13.97
N LYS C 189 -4.46 -12.62 14.36
CA LYS C 189 -5.24 -11.52 14.92
C LYS C 189 -4.57 -10.88 16.13
N GLY C 190 -4.43 -9.56 16.10
CA GLY C 190 -3.96 -8.76 17.22
C GLY C 190 -2.50 -8.31 17.12
N ILE C 191 -1.82 -8.80 16.10
CA ILE C 191 -0.37 -8.75 15.99
C ILE C 191 0.13 -7.65 15.05
N PHE C 192 -0.71 -7.31 14.08
CA PHE C 192 -0.29 -6.49 12.97
C PHE C 192 0.48 -5.27 13.43
N GLU C 193 -0.04 -4.55 14.43
CA GLU C 193 0.52 -3.27 14.80
C GLU C 193 1.75 -3.42 15.67
N LEU C 194 2.11 -4.63 16.05
CA LEU C 194 3.40 -4.84 16.71
C LEU C 194 4.55 -5.01 15.68
N ALA C 195 4.21 -5.20 14.42
CA ALA C 195 5.21 -5.53 13.41
C ALA C 195 6.07 -4.33 13.03
N ASP C 196 7.38 -4.51 13.08
CA ASP C 196 8.29 -3.54 12.53
C ASP C 196 8.58 -3.85 11.06
N MET C 197 8.20 -5.04 10.61
CA MET C 197 8.27 -5.43 9.21
C MET C 197 7.49 -6.72 8.95
N ILE C 198 6.89 -6.80 7.79
CA ILE C 198 6.24 -8.02 7.35
C ILE C 198 7.06 -8.50 6.17
N ALA C 199 7.38 -9.79 6.15
CA ALA C 199 8.03 -10.40 5.04
C ALA C 199 7.11 -11.47 4.51
N VAL C 200 6.80 -11.35 3.23
CA VAL C 200 5.92 -12.25 2.55
C VAL C 200 6.78 -13.23 1.77
N ASN C 201 6.59 -14.51 2.07
CA ASN C 201 7.41 -15.57 1.56
C ASN C 201 6.77 -16.11 0.27
N LYS C 202 7.56 -16.25 -0.79
CA LYS C 202 7.08 -16.84 -2.04
C LYS C 202 7.10 -18.33 -1.87
N ALA C 203 5.97 -18.97 -2.17
CA ALA C 203 5.94 -20.42 -2.36
C ALA C 203 6.99 -20.77 -3.44
N ASP C 204 7.07 -19.91 -4.46
CA ASP C 204 8.07 -20.00 -5.52
C ASP C 204 7.71 -21.19 -6.41
N ASP C 205 6.51 -21.12 -6.99
CA ASP C 205 5.97 -22.16 -7.86
C ASP C 205 5.04 -21.51 -8.89
N GLY C 206 4.12 -22.29 -9.48
CA GLY C 206 3.11 -21.75 -10.39
C GLY C 206 2.12 -20.86 -9.65
N ASP C 207 2.04 -19.59 -10.05
CA ASP C 207 1.22 -18.58 -9.38
C ASP C 207 1.55 -18.48 -7.89
N GLY C 208 2.85 -18.39 -7.59
CA GLY C 208 3.34 -18.17 -6.23
C GLY C 208 3.80 -16.74 -6.04
N GLU C 209 4.58 -16.23 -6.99
CA GLU C 209 5.02 -14.82 -6.99
C GLU C 209 3.81 -13.87 -7.13
N ARG C 210 2.79 -14.30 -7.89
CA ARG C 210 1.51 -13.60 -7.98
C ARG C 210 0.94 -13.30 -6.58
N ARG C 211 0.88 -14.35 -5.76
CA ARG C 211 0.18 -14.26 -4.48
C ARG C 211 0.98 -13.49 -3.43
N ALA C 212 2.31 -13.53 -3.53
CA ALA C 212 3.15 -12.79 -2.58
C ALA C 212 3.01 -11.31 -2.85
N SER C 213 2.97 -10.98 -4.14
CA SER C 213 2.93 -9.59 -4.58
C SER C 213 1.67 -8.91 -4.10
N ALA C 214 0.55 -9.60 -4.28
CA ALA C 214 -0.77 -9.13 -3.90
C ALA C 214 -0.96 -9.04 -2.38
N ALA C 215 -0.46 -10.04 -1.66
CA ALA C 215 -0.48 -10.03 -0.21
C ALA C 215 0.42 -8.91 0.29
N ALA C 216 1.57 -8.73 -0.35
CA ALA C 216 2.44 -7.60 0.03
C ALA C 216 1.75 -6.23 -0.13
N SER C 217 1.03 -6.05 -1.23
CA SER C 217 0.24 -4.82 -1.47
C SER C 217 -0.84 -4.61 -0.37
N GLU C 218 -1.56 -5.66 -0.03
CA GLU C 218 -2.63 -5.51 0.99
C GLU C 218 -2.09 -4.97 2.34
N TYR C 219 -1.03 -5.57 2.84
CA TYR C 219 -0.44 -5.16 4.11
C TYR C 219 0.24 -3.82 4.06
N ARG C 220 0.85 -3.52 2.92
CA ARG C 220 1.31 -2.20 2.60
CA ARG C 220 1.34 -2.17 2.62
C ARG C 220 0.20 -1.14 2.69
N ALA C 221 -0.97 -1.51 2.17
CA ALA C 221 -2.07 -0.56 2.13
C ALA C 221 -2.54 -0.32 3.57
N ALA C 222 -2.68 -1.40 4.36
CA ALA C 222 -3.02 -1.23 5.79
C ALA C 222 -1.96 -0.41 6.55
N LEU C 223 -0.69 -0.68 6.32
CA LEU C 223 0.33 0.03 7.07
C LEU C 223 0.32 1.52 6.73
N HIS C 224 0.14 1.84 5.45
CA HIS C 224 0.10 3.24 5.02
C HIS C 224 -1.02 3.99 5.75
N ILE C 225 -2.13 3.29 5.99
CA ILE C 225 -3.24 3.83 6.79
C ILE C 225 -2.88 3.92 8.29
N LEU C 226 -2.38 2.83 8.88
CA LEU C 226 -2.24 2.75 10.33
C LEU C 226 -0.97 3.37 10.93
N THR C 227 0.11 3.39 10.18
CA THR C 227 1.39 3.77 10.77
C THR C 227 1.37 5.26 11.03
N PRO C 228 1.62 5.67 12.28
CA PRO C 228 1.64 7.11 12.55
C PRO C 228 2.72 7.80 11.75
N PRO C 229 2.38 8.87 11.01
CA PRO C 229 3.32 9.71 10.24
C PRO C 229 4.53 10.24 11.00
N SER C 230 4.35 10.56 12.29
CA SER C 230 5.47 11.05 13.09
C SER C 230 6.51 9.96 13.46
N ALA C 231 6.43 8.79 12.81
CA ALA C 231 7.57 7.84 12.67
C ALA C 231 7.92 7.33 14.06
N THR C 232 9.17 7.23 14.54
CA THR C 232 10.48 7.25 13.87
C THR C 232 10.68 6.22 12.77
N TRP C 233 9.99 5.09 12.87
CA TRP C 233 10.16 3.98 11.95
C TRP C 233 8.88 3.72 11.21
N THR C 234 8.97 3.49 9.91
CA THR C 234 7.81 3.20 9.08
C THR C 234 7.88 1.76 8.57
N PRO C 235 7.01 0.87 9.10
CA PRO C 235 7.25 -0.54 8.76
C PRO C 235 7.17 -0.85 7.28
N PRO C 236 8.23 -1.49 6.73
CA PRO C 236 8.19 -1.91 5.35
C PRO C 236 7.72 -3.32 5.21
N VAL C 237 7.26 -3.63 4.02
CA VAL C 237 6.82 -4.98 3.65
C VAL C 237 7.80 -5.46 2.60
N VAL C 238 8.41 -6.63 2.78
CA VAL C 238 9.34 -7.14 1.79
C VAL C 238 8.89 -8.52 1.38
N THR C 239 9.31 -8.92 0.19
CA THR C 239 8.99 -10.25 -0.31
C THR C 239 10.27 -11.04 -0.27
N ILE C 240 10.19 -12.32 0.09
CA ILE C 240 11.35 -13.17 0.20
C ILE C 240 11.11 -14.57 -0.33
N SER C 241 12.19 -15.31 -0.50
CA SER C 241 12.17 -16.77 -0.65
C SER C 241 13.11 -17.32 0.40
N GLY C 242 12.55 -17.76 1.53
CA GLY C 242 13.31 -18.33 2.63
C GLY C 242 14.19 -19.50 2.22
N LEU C 243 13.62 -20.45 1.49
CA LEU C 243 14.34 -21.65 1.05
C LEU C 243 15.62 -21.28 0.28
N HIS C 244 15.46 -20.61 -0.85
CA HIS C 244 16.60 -20.20 -1.69
C HIS C 244 17.36 -19.06 -1.08
N GLY C 245 16.83 -18.46 -0.03
CA GLY C 245 17.57 -17.47 0.75
C GLY C 245 17.63 -16.11 0.08
N LYS C 246 16.63 -15.81 -0.76
CA LYS C 246 16.63 -14.58 -1.54
C LYS C 246 15.73 -13.56 -0.87
N GLY C 247 16.15 -12.29 -0.95
CA GLY C 247 15.46 -11.18 -0.31
C GLY C 247 15.92 -10.94 1.13
N LEU C 248 16.74 -11.83 1.67
CA LEU C 248 17.04 -11.85 3.11
C LEU C 248 18.14 -10.87 3.48
N ASP C 249 19.04 -10.64 2.53
CA ASP C 249 19.99 -9.54 2.64
C ASP C 249 19.22 -8.22 2.71
N SER C 250 18.19 -8.09 1.88
CA SER C 250 17.35 -6.88 1.85
C SER C 250 16.59 -6.73 3.16
N LEU C 251 16.17 -7.87 3.67
CA LEU C 251 15.44 -7.90 4.92
C LEU C 251 16.35 -7.37 6.02
N TRP C 252 17.59 -7.85 6.08
CA TRP C 252 18.51 -7.45 7.14
C TRP C 252 18.83 -6.00 7.11
N SER C 253 19.00 -5.46 5.90
CA SER C 253 19.35 -4.03 5.77
C SER C 253 18.31 -3.17 6.45
N ARG C 254 17.05 -3.53 6.25
CA ARG C 254 15.95 -2.84 6.98
C ARG C 254 16.15 -2.88 8.52
N ILE C 255 16.47 -4.06 9.05
CA ILE C 255 16.66 -4.22 10.50
C ILE C 255 17.81 -3.36 10.99
N GLU C 256 18.87 -3.29 10.20
CA GLU C 256 20.03 -2.43 10.52
C GLU C 256 19.69 -0.93 10.43
N ASP C 257 18.88 -0.58 9.44
CA ASP C 257 18.40 0.81 9.36
C ASP C 257 17.57 1.16 10.59
N HIS C 258 16.69 0.25 11.01
CA HIS C 258 15.92 0.46 12.24
C HIS C 258 16.84 0.72 13.38
N ARG C 259 17.84 -0.13 13.57
CA ARG C 259 18.77 0.02 14.71
C ARG C 259 19.41 1.40 14.71
N SER C 260 19.91 1.84 13.57
CA SER C 260 20.57 3.15 13.52
C SER C 260 19.62 4.27 13.82
N LYS C 261 18.47 4.27 13.15
CA LYS C 261 17.54 5.37 13.39
C LYS C 261 17.13 5.45 14.86
N LEU C 262 16.65 4.34 15.42
CA LEU C 262 16.13 4.35 16.78
C LEU C 262 17.23 4.35 17.83
N THR C 263 18.47 4.10 17.46
CA THR C 263 19.54 4.31 18.42
C THR C 263 19.75 5.80 18.56
N ALA C 264 19.82 6.51 17.43
CA ALA C 264 20.10 7.95 17.45
C ALA C 264 19.11 8.72 18.33
N THR C 265 17.82 8.35 18.27
CA THR C 265 16.79 8.96 19.14
C THR C 265 16.70 8.42 20.56
N GLY C 266 17.49 7.40 20.87
CA GLY C 266 17.46 6.79 22.19
C GLY C 266 16.26 5.87 22.45
N GLU C 267 15.48 5.57 21.41
CA GLU C 267 14.27 4.73 21.61
C GLU C 267 14.58 3.26 21.90
N ILE C 268 15.57 2.68 21.22
CA ILE C 268 15.95 1.30 21.50
C ILE C 268 16.40 1.15 22.96
N ALA C 269 17.23 2.07 23.45
CA ALA C 269 17.65 1.98 24.85
C ALA C 269 16.49 2.10 25.83
N GLY C 270 15.60 3.06 25.55
CA GLY C 270 14.45 3.29 26.42
C GLY C 270 13.46 2.13 26.40
N LYS C 271 13.28 1.50 25.25
CA LYS C 271 12.45 0.32 25.13
C LYS C 271 13.02 -0.91 25.92
N ARG C 272 14.33 -1.03 25.97
CA ARG C 272 14.96 -2.14 26.75
C ARG C 272 14.80 -1.98 28.26
N ARG C 273 14.96 -0.76 28.76
CA ARG C 273 14.72 -0.50 30.16
C ARG C 273 13.33 -0.92 30.61
N GLU C 274 12.29 -0.46 29.89
CA GLU C 274 10.91 -0.81 30.18
C GLU C 274 10.71 -2.32 30.13
N GLN C 275 11.31 -2.97 29.13
CA GLN C 275 11.21 -4.41 28.99
C GLN C 275 11.78 -5.13 30.19
N ASP C 276 12.95 -4.67 30.62
CA ASP C 276 13.64 -5.25 31.75
C ASP C 276 12.80 -5.23 33.01
N VAL C 277 12.26 -4.07 33.32
CA VAL C 277 11.31 -3.90 34.43
C VAL C 277 10.12 -4.85 34.28
N LYS C 278 9.61 -4.95 33.06
CA LYS C 278 8.48 -5.83 32.81
C LYS C 278 8.85 -7.29 33.12
N TRP C 279 10.05 -7.74 32.74
CA TRP C 279 10.44 -9.12 33.01
C TRP C 279 10.75 -9.36 34.45
N MET C 280 11.16 -8.31 35.16
CA MET C 280 11.32 -8.43 36.61
C MET C 280 9.99 -8.73 37.27
N TRP C 281 8.97 -7.97 36.93
CA TRP C 281 7.65 -8.19 37.48
C TRP C 281 7.07 -9.52 37.07
N ALA C 282 7.39 -9.98 35.86
CA ALA C 282 6.94 -11.31 35.42
C ALA C 282 7.51 -12.42 36.29
N LEU C 283 8.76 -12.29 36.74
CA LEU C 283 9.36 -13.28 37.63
C LEU C 283 8.73 -13.26 39.00
N VAL C 284 8.45 -12.06 39.50
CA VAL C 284 7.71 -11.95 40.75
C VAL C 284 6.39 -12.70 40.64
N HIS C 285 5.65 -12.49 39.56
CA HIS C 285 4.36 -13.15 39.42
C HIS C 285 4.50 -14.63 39.25
N GLU C 286 5.52 -15.07 38.52
CA GLU C 286 5.89 -16.50 38.39
C GLU C 286 6.12 -17.16 39.76
N ARG C 287 6.81 -16.45 40.64
CA ARG C 287 7.04 -16.91 41.99
C ARG C 287 5.71 -17.12 42.76
N LEU C 288 4.75 -16.21 42.57
CA LEU C 288 3.43 -16.41 43.15
C LEU C 288 2.73 -17.64 42.61
N HIS C 289 2.75 -17.78 41.28
CA HIS C 289 2.16 -18.95 40.65
C HIS C 289 2.77 -20.26 41.13
N GLN C 290 4.05 -20.26 41.53
CA GLN C 290 4.66 -21.49 42.05
CA GLN C 290 4.71 -21.45 42.10
C GLN C 290 3.97 -21.98 43.33
N ARG C 291 3.39 -21.08 44.11
CA ARG C 291 2.57 -21.52 45.27
C ARG C 291 1.24 -22.25 44.89
N LEU C 292 0.73 -22.07 43.67
CA LEU C 292 -0.42 -22.83 43.20
C LEU C 292 -0.11 -24.31 43.09
N VAL C 293 1.15 -24.60 42.81
CA VAL C 293 1.58 -25.96 42.58
C VAL C 293 2.46 -26.45 43.74
N GLY C 294 2.49 -25.72 44.85
CA GLY C 294 3.33 -26.09 46.00
C GLY C 294 2.96 -27.42 46.64
N SER C 295 1.74 -27.87 46.39
CA SER C 295 1.27 -29.15 46.86
C SER C 295 0.10 -29.60 46.00
N ALA C 296 -0.26 -30.87 46.15
CA ALA C 296 -1.37 -31.44 45.42
C ALA C 296 -2.69 -30.81 45.84
N GLU C 297 -2.81 -30.58 47.14
CA GLU C 297 -4.01 -30.04 47.73
C GLU C 297 -4.22 -28.60 47.24
N VAL C 298 -3.16 -27.79 47.29
CA VAL C 298 -3.27 -26.42 46.84
C VAL C 298 -3.69 -26.35 45.35
N ARG C 299 -3.11 -27.23 44.54
CA ARG C 299 -3.35 -27.23 43.12
C ARG C 299 -4.76 -27.68 42.82
N GLN C 300 -5.20 -28.68 43.58
CA GLN C 300 -6.56 -29.17 43.48
C GLN C 300 -7.53 -28.02 43.74
N ALA C 301 -7.32 -27.33 44.84
CA ALA C 301 -8.28 -26.30 45.30
C ALA C 301 -8.19 -24.98 44.50
N THR C 302 -6.98 -24.62 44.11
CA THR C 302 -6.79 -23.50 43.22
C THR C 302 -7.50 -23.73 41.91
N ALA C 303 -7.29 -24.88 41.31
CA ALA C 303 -7.96 -25.20 40.05
C ALA C 303 -9.49 -25.24 40.18
N GLU C 304 -9.97 -25.75 41.31
CA GLU C 304 -11.39 -25.76 41.64
C GLU C 304 -11.96 -24.33 41.60
N ALA C 305 -11.25 -23.41 42.23
CA ALA C 305 -11.67 -22.03 42.27
C ALA C 305 -11.78 -21.47 40.86
N GLU C 306 -10.79 -21.76 40.04
CA GLU C 306 -10.74 -21.20 38.70
C GLU C 306 -11.86 -21.73 37.87
N ARG C 307 -12.13 -23.02 38.01
CA ARG C 307 -13.21 -23.64 37.26
C ARG C 307 -14.53 -22.99 37.63
N ALA C 308 -14.72 -22.70 38.93
CA ALA C 308 -15.98 -22.14 39.34
C ALA C 308 -16.24 -20.77 38.67
N VAL C 309 -15.18 -19.99 38.46
CA VAL C 309 -15.28 -18.70 37.76
C VAL C 309 -15.48 -18.91 36.27
N ALA C 310 -14.68 -19.78 35.67
CA ALA C 310 -14.77 -20.09 34.24
C ALA C 310 -16.11 -20.69 33.86
N GLY C 311 -16.72 -21.46 34.79
CA GLY C 311 -18.05 -22.02 34.62
C GLY C 311 -19.18 -21.06 34.89
N GLY C 312 -18.88 -19.89 35.46
CA GLY C 312 -19.89 -18.90 35.80
C GLY C 312 -20.75 -19.33 36.97
N GLU C 313 -20.13 -20.06 37.89
CA GLU C 313 -20.82 -20.55 39.10
C GLU C 313 -20.57 -19.59 40.23
N HIS C 314 -19.41 -18.95 40.24
CA HIS C 314 -19.07 -17.97 41.27
C HIS C 314 -18.39 -16.79 40.65
N SER C 315 -18.38 -15.65 41.34
CA SER C 315 -17.85 -14.37 40.78
C SER C 315 -16.33 -14.38 40.74
N PRO C 316 -15.73 -13.50 39.91
CA PRO C 316 -14.27 -13.43 39.91
C PRO C 316 -13.72 -13.23 41.29
N ALA C 317 -14.30 -12.31 42.06
CA ALA C 317 -13.72 -11.98 43.38
C ALA C 317 -13.89 -13.13 44.37
N ALA C 318 -14.94 -13.95 44.23
CA ALA C 318 -15.08 -15.15 45.11
C ALA C 318 -14.02 -16.19 44.75
N GLY C 319 -13.73 -16.33 43.45
CA GLY C 319 -12.61 -17.12 43.07
C GLY C 319 -11.27 -16.62 43.56
N ALA C 320 -11.04 -15.32 43.41
CA ALA C 320 -9.78 -14.72 43.80
C ALA C 320 -9.55 -14.88 45.26
N ASP C 321 -10.59 -14.61 46.07
CA ASP C 321 -10.46 -14.73 47.51
C ASP C 321 -10.09 -16.16 47.93
N ALA C 322 -10.76 -17.15 47.36
CA ALA C 322 -10.44 -18.55 47.68
C ALA C 322 -8.99 -18.88 47.29
N ILE C 323 -8.57 -18.42 46.12
CA ILE C 323 -7.20 -18.70 45.66
C ILE C 323 -6.17 -17.98 46.54
N ALA C 324 -6.40 -16.70 46.78
CA ALA C 324 -5.45 -15.87 47.55
C ALA C 324 -5.23 -16.45 48.96
N THR C 325 -6.34 -16.74 49.62
CA THR C 325 -6.32 -17.41 50.89
C THR C 325 -5.39 -18.60 50.92
N LEU C 326 -5.59 -19.56 50.01
CA LEU C 326 -4.80 -20.78 50.12
C LEU C 326 -3.38 -20.68 49.53
N ILE C 327 -3.00 -19.46 49.15
CA ILE C 327 -1.59 -19.06 49.14
C ILE C 327 -1.36 -18.37 50.50
N GLY C 328 -0.53 -17.35 50.60
CA GLY C 328 -0.42 -16.59 51.85
C GLY C 328 -1.28 -15.33 51.84
N LEU C 329 -1.66 -14.87 50.65
CA LEU C 329 -2.35 -13.60 50.50
C LEU C 329 -3.66 -13.55 51.27
N PRO D 6 -29.24 24.65 -46.41
CA PRO D 6 -29.55 25.24 -45.11
C PRO D 6 -28.69 26.47 -44.82
N ASP D 7 -29.33 27.58 -44.48
CA ASP D 7 -28.60 28.85 -44.23
C ASP D 7 -27.86 28.82 -42.91
N MET D 8 -26.73 29.54 -42.86
CA MET D 8 -25.76 29.40 -41.78
C MET D 8 -25.63 30.63 -40.88
N ASP D 9 -26.25 31.72 -41.29
CA ASP D 9 -26.17 32.97 -40.55
C ASP D 9 -27.10 32.86 -39.36
N THR D 10 -28.34 32.48 -39.66
CA THR D 10 -29.33 32.15 -38.67
C THR D 10 -28.80 31.10 -37.71
N LEU D 11 -28.41 29.95 -38.27
CA LEU D 11 -28.04 28.77 -37.47
C LEU D 11 -27.04 29.13 -36.38
N ARG D 12 -26.06 29.93 -36.77
CA ARG D 12 -25.07 30.45 -35.87
C ARG D 12 -25.69 31.28 -34.77
N GLU D 13 -26.48 32.29 -35.14
CA GLU D 13 -27.19 33.14 -34.18
CA GLU D 13 -27.14 33.13 -34.15
C GLU D 13 -27.93 32.27 -33.15
N ARG D 14 -28.64 31.27 -33.65
CA ARG D 14 -29.46 30.34 -32.86
CA ARG D 14 -29.45 30.39 -32.81
C ARG D 14 -28.61 29.44 -31.93
N LEU D 15 -27.53 28.92 -32.50
CA LEU D 15 -26.64 28.06 -31.72
C LEU D 15 -26.03 28.85 -30.56
N LEU D 16 -25.63 30.09 -30.84
CA LEU D 16 -25.11 30.96 -29.82
C LEU D 16 -26.13 31.28 -28.74
N ALA D 17 -27.42 31.24 -29.09
CA ALA D 17 -28.50 31.43 -28.13
C ALA D 17 -28.85 30.14 -27.35
N GLY D 18 -28.17 29.04 -27.61
CA GLY D 18 -28.38 27.80 -26.83
C GLY D 18 -29.55 27.01 -27.40
N ASP D 19 -29.84 27.26 -28.67
CA ASP D 19 -30.88 26.55 -29.39
C ASP D 19 -30.34 25.14 -29.71
N ARG D 20 -30.87 24.14 -29.01
CA ARG D 20 -30.40 22.76 -29.13
C ARG D 20 -30.66 22.12 -30.49
N ALA D 21 -31.67 22.60 -31.22
CA ALA D 21 -31.93 22.13 -32.60
C ALA D 21 -30.89 22.68 -33.55
N ALA D 22 -30.47 23.91 -33.31
CA ALA D 22 -29.38 24.45 -34.08
C ALA D 22 -28.16 23.57 -33.83
N LEU D 23 -27.82 23.36 -32.57
CA LEU D 23 -26.69 22.50 -32.19
C LEU D 23 -26.75 21.15 -32.87
N ALA D 24 -27.87 20.47 -32.69
CA ALA D 24 -28.05 19.13 -33.30
C ALA D 24 -27.85 19.19 -34.81
N ARG D 25 -28.36 20.22 -35.47
CA ARG D 25 -28.20 20.36 -36.91
C ARG D 25 -26.75 20.59 -37.28
N ALA D 26 -26.12 21.53 -36.61
CA ALA D 26 -24.73 21.83 -36.85
C ALA D 26 -23.86 20.57 -36.75
N ILE D 27 -24.16 19.72 -35.80
CA ILE D 27 -23.38 18.52 -35.60
C ILE D 27 -23.57 17.58 -36.77
N THR D 28 -24.82 17.39 -37.19
CA THR D 28 -25.12 16.51 -38.30
C THR D 28 -24.33 16.87 -39.54
N LEU D 29 -24.17 18.16 -39.79
CA LEU D 29 -23.34 18.64 -40.91
C LEU D 29 -21.86 18.25 -40.81
N ALA D 30 -21.32 18.23 -39.60
CA ALA D 30 -19.90 18.00 -39.38
C ALA D 30 -19.55 16.52 -39.34
N GLU D 31 -20.55 15.69 -39.05
CA GLU D 31 -20.40 14.22 -39.07
C GLU D 31 -20.71 13.66 -40.44
N SER D 32 -21.37 14.47 -41.28
CA SER D 32 -21.61 14.14 -42.67
C SER D 32 -20.27 13.89 -43.35
N ARG D 33 -20.18 12.79 -44.10
CA ARG D 33 -18.91 12.37 -44.73
C ARG D 33 -18.74 12.96 -46.14
N ARG D 34 -18.85 14.29 -46.24
CA ARG D 34 -18.68 15.00 -47.53
C ARG D 34 -18.32 16.47 -47.32
N ALA D 35 -17.79 17.09 -48.37
CA ALA D 35 -17.54 18.53 -48.39
C ALA D 35 -18.84 19.29 -48.68
N ASP D 36 -18.73 20.61 -48.80
CA ASP D 36 -19.89 21.49 -48.99
C ASP D 36 -20.60 21.59 -47.64
N HIS D 37 -21.15 20.46 -47.18
CA HIS D 37 -21.71 20.37 -45.85
C HIS D 37 -20.64 20.71 -44.83
N ARG D 38 -19.64 19.84 -44.74
CA ARG D 38 -18.59 19.98 -43.75
C ARG D 38 -17.87 21.32 -43.81
N ALA D 39 -17.69 21.88 -45.01
CA ALA D 39 -17.11 23.21 -45.17
C ALA D 39 -17.88 24.25 -44.39
N ALA D 40 -19.16 24.37 -44.65
CA ALA D 40 -19.97 25.43 -44.02
C ALA D 40 -19.98 25.33 -42.49
N VAL D 41 -20.07 24.11 -41.99
CA VAL D 41 -20.08 23.88 -40.55
C VAL D 41 -18.71 24.01 -39.90
N ARG D 42 -17.65 24.06 -40.71
CA ARG D 42 -16.32 24.48 -40.27
C ARG D 42 -16.21 25.98 -40.09
N ASP D 43 -16.79 26.76 -41.00
CA ASP D 43 -16.74 28.22 -40.90
C ASP D 43 -17.57 28.74 -39.71
N LEU D 44 -18.70 28.10 -39.49
CA LEU D 44 -19.49 28.36 -38.31
C LEU D 44 -18.68 28.10 -37.03
N ILE D 45 -18.10 26.91 -36.92
CA ILE D 45 -17.30 26.59 -35.74
C ILE D 45 -16.23 27.64 -35.58
N ASP D 46 -15.59 27.99 -36.68
CA ASP D 46 -14.59 29.04 -36.65
C ASP D 46 -15.18 30.35 -36.16
N ALA D 47 -16.37 30.67 -36.61
CA ALA D 47 -17.03 31.93 -36.22
C ALA D 47 -17.39 32.00 -34.74
N VAL D 48 -17.67 30.87 -34.12
CA VAL D 48 -18.09 30.89 -32.71
C VAL D 48 -16.95 30.60 -31.71
N LEU D 49 -15.72 30.55 -32.19
CA LEU D 49 -14.60 30.15 -31.34
C LEU D 49 -14.42 30.98 -30.09
N PRO D 50 -14.68 32.30 -30.20
CA PRO D 50 -14.55 33.10 -29.01
C PRO D 50 -15.58 32.80 -27.94
N GLN D 51 -16.63 32.03 -28.25
CA GLN D 51 -17.62 31.64 -27.24
C GLN D 51 -17.38 30.26 -26.67
N THR D 52 -16.28 29.64 -27.09
CA THR D 52 -15.93 28.30 -26.62
C THR D 52 -14.96 28.35 -25.47
N GLY D 53 -14.82 27.20 -24.81
CA GLY D 53 -13.81 27.02 -23.81
C GLY D 53 -14.22 27.34 -22.39
N ARG D 54 -15.42 27.87 -22.17
CA ARG D 54 -15.77 28.22 -20.78
C ARG D 54 -16.46 27.03 -20.16
N ALA D 55 -15.73 25.94 -20.02
CA ALA D 55 -16.35 24.70 -19.60
C ALA D 55 -15.31 23.84 -18.95
N ILE D 56 -15.73 22.91 -18.11
CA ILE D 56 -14.84 21.88 -17.57
C ILE D 56 -14.96 20.67 -18.50
N ARG D 57 -13.82 20.23 -19.04
CA ARG D 57 -13.77 19.06 -19.91
C ARG D 57 -13.18 17.88 -19.13
N VAL D 58 -13.92 16.78 -19.07
CA VAL D 58 -13.54 15.60 -18.29
C VAL D 58 -13.62 14.35 -19.16
N GLY D 59 -12.49 13.68 -19.25
CA GLY D 59 -12.44 12.42 -19.95
C GLY D 59 -12.69 11.33 -18.92
N ILE D 60 -13.48 10.32 -19.31
CA ILE D 60 -13.85 9.22 -18.43
C ILE D 60 -13.63 7.92 -19.19
N THR D 61 -12.89 7.02 -18.53
CA THR D 61 -12.64 5.70 -19.08
C THR D 61 -12.81 4.64 -18.01
N GLY D 62 -12.92 3.40 -18.46
CA GLY D 62 -12.93 2.22 -17.60
C GLY D 62 -13.36 1.03 -18.43
N VAL D 63 -13.04 -0.15 -17.94
CA VAL D 63 -13.29 -1.39 -18.65
C VAL D 63 -14.80 -1.54 -18.80
N PRO D 64 -15.27 -2.10 -19.93
CA PRO D 64 -16.70 -2.44 -20.05
C PRO D 64 -17.24 -3.28 -18.89
N GLY D 65 -18.39 -2.88 -18.34
CA GLY D 65 -18.95 -3.50 -17.15
C GLY D 65 -18.56 -2.88 -15.81
N VAL D 66 -17.62 -1.93 -15.80
CA VAL D 66 -17.19 -1.28 -14.55
C VAL D 66 -18.31 -0.39 -13.96
N GLY D 67 -19.22 0.04 -14.82
CA GLY D 67 -20.36 0.90 -14.45
C GLY D 67 -20.25 2.34 -14.96
N LYS D 68 -19.54 2.55 -16.06
CA LYS D 68 -19.31 3.91 -16.55
C LYS D 68 -20.61 4.60 -16.95
N SER D 69 -21.44 3.93 -17.73
CA SER D 69 -22.64 4.58 -18.23
C SER D 69 -23.60 4.88 -17.09
N THR D 70 -23.65 3.99 -16.10
CA THR D 70 -24.44 4.25 -14.90
C THR D 70 -23.86 5.41 -14.08
N THR D 71 -22.55 5.49 -13.97
CA THR D 71 -21.90 6.56 -13.20
C THR D 71 -22.07 7.95 -13.86
N ILE D 72 -21.97 7.98 -15.17
CA ILE D 72 -22.11 9.22 -15.93
C ILE D 72 -23.57 9.69 -15.85
N ASP D 73 -24.50 8.73 -15.91
CA ASP D 73 -25.89 9.05 -15.72
C ASP D 73 -26.13 9.72 -14.37
N ALA D 74 -25.64 9.13 -13.30
CA ALA D 74 -25.80 9.72 -11.99
C ALA D 74 -25.04 11.07 -11.83
N LEU D 75 -23.81 11.13 -12.33
CA LEU D 75 -22.99 12.34 -12.19
C LEU D 75 -23.57 13.50 -12.99
N GLY D 76 -23.99 13.21 -14.21
CA GLY D 76 -24.61 14.22 -15.03
C GLY D 76 -25.85 14.81 -14.41
N SER D 77 -26.67 13.93 -13.80
CA SER D 77 -27.94 14.34 -13.21
C SER D 77 -27.74 15.20 -11.97
N LEU D 78 -26.74 14.86 -11.18
CA LEU D 78 -26.30 15.74 -10.12
C LEU D 78 -25.82 17.14 -10.63
N LEU D 79 -25.14 17.17 -11.77
CA LEU D 79 -24.59 18.43 -12.28
C LEU D 79 -25.72 19.28 -12.91
N THR D 80 -26.65 18.64 -13.63
CA THR D 80 -27.80 19.38 -14.12
C THR D 80 -28.69 19.90 -12.98
N ALA D 81 -28.90 19.14 -11.92
CA ALA D 81 -29.70 19.67 -10.79
C ALA D 81 -29.02 20.86 -10.11
N ALA D 82 -27.70 20.93 -10.17
CA ALA D 82 -26.98 22.08 -9.65
C ALA D 82 -26.89 23.27 -10.63
N GLY D 83 -27.54 23.19 -11.80
CA GLY D 83 -27.55 24.30 -12.77
C GLY D 83 -26.53 24.26 -13.90
N HIS D 84 -25.85 23.13 -14.09
CA HIS D 84 -24.93 22.94 -15.22
C HIS D 84 -25.63 22.43 -16.43
N LYS D 85 -25.04 22.73 -17.59
CA LYS D 85 -25.41 22.08 -18.85
C LYS D 85 -24.31 21.13 -19.25
N VAL D 86 -24.68 19.87 -19.40
CA VAL D 86 -23.74 18.76 -19.46
C VAL D 86 -23.87 18.11 -20.83
N ALA D 87 -22.81 18.19 -21.61
CA ALA D 87 -22.77 17.37 -22.81
C ALA D 87 -21.93 16.12 -22.55
N VAL D 88 -22.36 15.03 -23.16
CA VAL D 88 -21.74 13.71 -22.99
C VAL D 88 -21.40 13.17 -24.38
N LEU D 89 -20.11 13.07 -24.66
CA LEU D 89 -19.65 12.68 -25.99
C LEU D 89 -18.82 11.39 -25.92
N ALA D 90 -18.96 10.52 -26.92
CA ALA D 90 -18.27 9.24 -26.95
C ALA D 90 -17.16 9.23 -28.00
N VAL D 91 -16.05 8.56 -27.66
CA VAL D 91 -15.01 8.23 -28.66
C VAL D 91 -14.88 6.72 -28.74
N ASP D 92 -15.20 6.18 -29.91
CA ASP D 92 -15.19 4.74 -30.16
C ASP D 92 -14.32 4.44 -31.36
N PRO D 93 -13.19 3.74 -31.15
CA PRO D 93 -12.40 3.26 -32.30
C PRO D 93 -13.22 2.49 -33.35
N SER D 94 -14.20 1.70 -32.94
CA SER D 94 -15.06 0.92 -33.89
C SER D 94 -15.84 1.73 -34.92
N SER D 95 -16.02 3.04 -34.69
CA SER D 95 -16.68 3.90 -35.68
C SER D 95 -15.77 4.26 -36.87
N THR D 96 -14.54 3.73 -36.88
CA THR D 96 -13.69 3.81 -38.08
C THR D 96 -14.15 2.85 -39.18
N ARG D 97 -14.90 1.82 -38.79
CA ARG D 97 -15.39 0.77 -39.72
C ARG D 97 -16.90 0.83 -40.03
N THR D 98 -17.58 1.92 -39.66
CA THR D 98 -19.01 2.10 -39.95
C THR D 98 -19.26 3.31 -40.85
N THR D 107 -30.25 5.21 -25.84
CA THR D 107 -30.44 5.75 -24.50
C THR D 107 -30.11 4.69 -23.43
N ARG D 108 -28.83 4.58 -23.10
CA ARG D 108 -28.38 3.73 -22.00
C ARG D 108 -28.25 4.54 -20.70
N MET D 109 -28.04 5.85 -20.84
CA MET D 109 -28.06 6.78 -19.70
C MET D 109 -29.48 7.34 -19.65
N ALA D 110 -30.37 6.55 -19.06
CA ALA D 110 -31.81 6.74 -19.21
C ALA D 110 -32.31 8.10 -18.73
N ARG D 111 -31.81 8.58 -17.59
CA ARG D 111 -32.23 9.89 -17.04
C ARG D 111 -31.69 11.04 -17.85
N LEU D 112 -30.38 11.06 -18.03
CA LEU D 112 -29.80 12.10 -18.85
C LEU D 112 -30.42 12.15 -20.23
N ALA D 113 -30.90 11.02 -20.77
CA ALA D 113 -31.41 11.01 -22.14
C ALA D 113 -32.69 11.83 -22.34
N ILE D 114 -33.47 12.06 -21.28
CA ILE D 114 -34.65 12.92 -21.33
C ILE D 114 -34.44 14.26 -20.60
N ASP D 115 -33.25 14.46 -20.04
CA ASP D 115 -32.96 15.71 -19.31
C ASP D 115 -32.53 16.78 -20.34
N ARG D 116 -33.30 17.86 -20.49
CA ARG D 116 -33.01 18.91 -21.48
C ARG D 116 -31.80 19.78 -21.09
N ASN D 117 -31.31 19.64 -19.88
CA ASN D 117 -30.09 20.29 -19.50
C ASN D 117 -28.88 19.50 -20.01
N ALA D 118 -29.14 18.35 -20.62
CA ALA D 118 -28.08 17.45 -21.07
C ALA D 118 -28.14 17.23 -22.56
N PHE D 119 -27.06 16.72 -23.10
CA PHE D 119 -26.89 16.53 -24.52
C PHE D 119 -25.86 15.43 -24.71
N ILE D 120 -26.36 14.33 -25.26
CA ILE D 120 -25.62 13.08 -25.39
C ILE D 120 -25.41 12.81 -26.87
N ARG D 121 -24.18 12.53 -27.28
CA ARG D 121 -23.92 12.09 -28.67
C ARG D 121 -23.01 10.89 -28.76
N PRO D 122 -23.34 9.92 -29.64
CA PRO D 122 -22.46 8.77 -29.83
C PRO D 122 -21.20 9.15 -30.63
N SER D 123 -20.29 8.20 -30.76
CA SER D 123 -19.02 8.44 -31.44
C SER D 123 -19.27 8.78 -32.91
N PRO D 124 -18.49 9.75 -33.45
CA PRO D 124 -18.57 10.01 -34.86
C PRO D 124 -17.70 9.05 -35.67
N SER D 125 -18.08 8.86 -36.92
CA SER D 125 -17.37 8.01 -37.86
C SER D 125 -16.20 8.74 -38.54
N SER D 126 -15.13 8.00 -38.82
CA SER D 126 -14.00 8.54 -39.60
C SER D 126 -12.98 7.44 -39.94
N GLY D 127 -12.12 7.72 -40.91
CA GLY D 127 -11.05 6.80 -41.29
C GLY D 127 -10.11 6.43 -40.16
N THR D 128 -9.64 7.40 -39.38
CA THR D 128 -8.65 7.14 -38.33
C THR D 128 -9.16 7.53 -36.95
N LEU D 129 -8.52 6.98 -35.93
CA LEU D 129 -8.81 7.33 -34.56
C LEU D 129 -8.57 8.83 -34.32
N GLY D 130 -7.45 9.34 -34.82
CA GLY D 130 -7.13 10.77 -34.80
C GLY D 130 -8.30 11.59 -35.32
N GLY D 131 -8.88 11.12 -36.42
CA GLY D 131 -10.02 11.79 -37.02
C GLY D 131 -11.28 11.70 -36.21
N VAL D 132 -11.49 10.57 -35.54
CA VAL D 132 -12.67 10.39 -34.68
C VAL D 132 -12.54 11.39 -33.54
N ALA D 133 -11.37 11.41 -32.89
CA ALA D 133 -11.09 12.33 -31.79
C ALA D 133 -11.12 13.81 -32.23
N ALA D 134 -10.61 14.10 -33.42
CA ALA D 134 -10.59 15.48 -33.91
C ALA D 134 -12.00 15.94 -34.14
N LYS D 135 -12.83 15.13 -34.77
CA LYS D 135 -14.26 15.44 -34.89
C LYS D 135 -14.94 15.72 -33.52
N THR D 136 -14.57 14.94 -32.53
CA THR D 136 -15.16 15.11 -31.22
C THR D 136 -14.76 16.45 -30.62
N ARG D 137 -13.51 16.92 -30.81
CA ARG D 137 -13.09 18.29 -30.41
C ARG D 137 -13.97 19.33 -31.11
N GLU D 138 -14.24 19.15 -32.39
CA GLU D 138 -15.06 20.13 -33.13
C GLU D 138 -16.47 20.13 -32.52
N THR D 139 -16.97 18.95 -32.19
CA THR D 139 -18.26 18.85 -31.52
C THR D 139 -18.31 19.46 -30.11
N MET D 140 -17.25 19.25 -29.34
CA MET D 140 -17.11 19.93 -28.08
C MET D 140 -17.16 21.46 -28.26
N LEU D 141 -16.54 22.00 -29.30
CA LEU D 141 -16.51 23.47 -29.43
C LEU D 141 -17.93 23.99 -29.70
N LEU D 142 -18.67 23.24 -30.52
CA LEU D 142 -20.08 23.56 -30.75
C LEU D 142 -20.89 23.57 -29.47
N CYS D 143 -20.72 22.54 -28.64
CA CYS D 143 -21.49 22.44 -27.40
C CYS D 143 -21.12 23.63 -26.51
N GLU D 144 -19.84 23.91 -26.43
CA GLU D 144 -19.41 25.01 -25.59
C GLU D 144 -20.03 26.34 -26.08
N ALA D 145 -19.94 26.63 -27.37
CA ALA D 145 -20.51 27.85 -27.92
C ALA D 145 -22.02 27.90 -27.73
N ALA D 146 -22.64 26.74 -27.59
CA ALA D 146 -24.07 26.66 -27.28
C ALA D 146 -24.44 26.74 -25.79
N GLY D 147 -23.49 26.99 -24.91
CA GLY D 147 -23.80 27.19 -23.48
C GLY D 147 -23.47 26.03 -22.54
N PHE D 148 -23.00 24.91 -23.09
CA PHE D 148 -22.62 23.78 -22.24
C PHE D 148 -21.34 24.07 -21.46
N ASP D 149 -21.44 24.00 -20.14
CA ASP D 149 -20.33 24.33 -19.27
C ASP D 149 -19.69 23.04 -18.69
N VAL D 150 -20.25 21.86 -18.98
CA VAL D 150 -19.58 20.59 -18.66
C VAL D 150 -19.59 19.65 -19.86
N ILE D 151 -18.39 19.21 -20.28
CA ILE D 151 -18.25 18.24 -21.34
C ILE D 151 -17.57 17.02 -20.79
N LEU D 152 -18.31 15.91 -20.87
CA LEU D 152 -17.81 14.61 -20.46
C LEU D 152 -17.59 13.82 -21.74
N VAL D 153 -16.36 13.34 -21.91
CA VAL D 153 -15.98 12.55 -23.07
C VAL D 153 -15.61 11.15 -22.55
N GLU D 154 -16.28 10.13 -23.10
CA GLU D 154 -16.03 8.76 -22.66
C GLU D 154 -15.41 7.88 -23.72
N THR D 155 -14.47 7.05 -23.30
CA THR D 155 -14.05 5.92 -24.11
C THR D 155 -15.23 4.98 -24.21
N VAL D 156 -15.41 4.39 -25.38
CA VAL D 156 -16.47 3.41 -25.62
C VAL D 156 -15.85 2.27 -26.42
N GLY D 157 -16.30 1.06 -26.12
CA GLY D 157 -15.85 -0.15 -26.80
C GLY D 157 -14.54 -0.75 -26.30
N VAL D 158 -14.20 -1.87 -26.92
CA VAL D 158 -12.87 -2.45 -26.82
C VAL D 158 -12.01 -1.66 -27.80
N GLY D 159 -10.82 -1.26 -27.36
CA GLY D 159 -10.01 -0.38 -28.20
C GLY D 159 -9.01 0.40 -27.37
N GLN D 160 -8.11 1.07 -28.06
CA GLN D 160 -7.10 1.91 -27.43
C GLN D 160 -7.51 3.38 -27.62
N SER D 161 -8.57 3.78 -26.92
CA SER D 161 -9.10 5.13 -27.04
C SER D 161 -8.65 6.13 -25.97
N GLU D 162 -7.92 5.65 -24.97
CA GLU D 162 -7.65 6.44 -23.77
C GLU D 162 -6.77 7.68 -23.98
N THR D 163 -5.69 7.55 -24.75
CA THR D 163 -4.80 8.69 -24.98
C THR D 163 -5.56 9.82 -25.69
N ALA D 164 -6.35 9.44 -26.66
CA ALA D 164 -7.18 10.37 -27.38
C ALA D 164 -8.16 11.12 -26.48
N VAL D 165 -8.86 10.41 -25.60
CA VAL D 165 -9.82 11.05 -24.72
C VAL D 165 -9.11 11.97 -23.76
N ALA D 166 -7.96 11.54 -23.27
CA ALA D 166 -7.14 12.36 -22.41
C ALA D 166 -6.74 13.64 -23.13
N ASP D 167 -6.40 13.52 -24.41
CA ASP D 167 -5.93 14.68 -25.16
C ASP D 167 -7.07 15.57 -25.71
N LEU D 168 -8.31 15.28 -25.33
CA LEU D 168 -9.48 16.08 -25.64
C LEU D 168 -10.00 16.83 -24.43
N THR D 169 -9.45 16.54 -23.25
CA THR D 169 -10.03 17.01 -22.00
C THR D 169 -8.95 17.50 -21.06
N ASP D 170 -9.40 18.18 -20.00
CA ASP D 170 -8.54 18.84 -19.05
C ASP D 170 -8.21 17.89 -17.87
N PHE D 171 -9.09 16.94 -17.58
CA PHE D 171 -8.95 16.10 -16.40
C PHE D 171 -9.32 14.69 -16.86
N PHE D 172 -8.48 13.70 -16.58
CA PHE D 172 -8.76 12.30 -17.00
C PHE D 172 -9.09 11.41 -15.84
N LEU D 173 -10.29 10.82 -15.89
CA LEU D 173 -10.84 10.07 -14.79
C LEU D 173 -10.94 8.55 -15.13
N VAL D 174 -10.34 7.71 -14.29
CA VAL D 174 -10.36 6.28 -14.52
C VAL D 174 -11.29 5.65 -13.49
N LEU D 175 -12.33 4.99 -13.97
CA LEU D 175 -13.18 4.19 -13.12
C LEU D 175 -12.57 2.78 -13.07
N MET D 176 -12.60 2.17 -11.90
CA MET D 176 -12.06 0.82 -11.71
C MET D 176 -12.96 -0.11 -10.92
N LEU D 177 -12.77 -1.40 -11.13
CA LEU D 177 -13.50 -2.44 -10.42
C LEU D 177 -13.10 -2.52 -8.95
N PRO D 178 -14.00 -3.01 -8.10
CA PRO D 178 -13.76 -3.04 -6.66
C PRO D 178 -12.84 -4.16 -6.15
N GLY D 179 -12.40 -5.03 -7.05
CA GLY D 179 -11.53 -6.17 -6.70
C GLY D 179 -10.29 -5.75 -5.96
N ALA D 180 -10.00 -6.43 -4.87
CA ALA D 180 -8.82 -6.14 -4.07
C ALA D 180 -7.94 -7.41 -3.95
N GLY D 181 -6.72 -7.25 -3.47
CA GLY D 181 -5.84 -8.37 -3.25
C GLY D 181 -5.48 -9.06 -4.54
N ASP D 182 -5.78 -10.35 -4.61
CA ASP D 182 -5.53 -11.18 -5.78
C ASP D 182 -6.48 -10.85 -6.92
N GLU D 183 -7.59 -10.19 -6.60
CA GLU D 183 -8.56 -9.75 -7.60
C GLU D 183 -8.38 -8.26 -7.92
N LEU D 184 -7.30 -7.66 -7.43
CA LEU D 184 -7.01 -6.27 -7.75
C LEU D 184 -6.91 -6.04 -9.29
N GLN D 185 -7.72 -5.14 -9.84
CA GLN D 185 -7.77 -4.96 -11.30
C GLN D 185 -6.41 -4.56 -11.89
N GLY D 186 -5.77 -3.55 -11.31
CA GLY D 186 -4.56 -3.02 -11.90
C GLY D 186 -4.84 -2.02 -13.02
N ILE D 187 -3.93 -1.07 -13.19
CA ILE D 187 -4.06 -0.03 -14.18
C ILE D 187 -3.41 -0.48 -15.47
N LYS D 188 -4.21 -0.51 -16.53
CA LYS D 188 -3.78 -0.84 -17.87
C LYS D 188 -2.56 -0.03 -18.33
N LYS D 189 -1.65 -0.72 -19.01
CA LYS D 189 -0.50 -0.08 -19.64
C LYS D 189 -0.99 1.18 -20.35
N GLY D 190 -0.36 2.31 -20.07
CA GLY D 190 -0.70 3.55 -20.75
C GLY D 190 -1.69 4.44 -20.02
N ILE D 191 -2.42 3.91 -19.03
CA ILE D 191 -3.43 4.71 -18.34
C ILE D 191 -2.87 5.43 -17.14
N PHE D 192 -1.81 4.89 -16.55
CA PHE D 192 -1.28 5.46 -15.35
C PHE D 192 -0.74 6.85 -15.57
N GLU D 193 -0.06 7.08 -16.67
CA GLU D 193 0.44 8.42 -16.93
C GLU D 193 -0.70 9.40 -17.20
N LEU D 194 -1.86 8.91 -17.62
CA LEU D 194 -2.97 9.80 -17.96
C LEU D 194 -3.84 10.12 -16.77
N ALA D 195 -3.90 9.22 -15.79
CA ALA D 195 -4.93 9.34 -14.77
C ALA D 195 -4.74 10.53 -13.87
N ASP D 196 -5.77 11.37 -13.77
CA ASP D 196 -5.77 12.47 -12.78
C ASP D 196 -6.56 12.11 -11.54
N MET D 197 -7.37 11.04 -11.63
CA MET D 197 -8.05 10.49 -10.48
C MET D 197 -8.50 9.07 -10.84
N ILE D 198 -8.49 8.20 -9.83
CA ILE D 198 -9.03 6.89 -9.94
C ILE D 198 -10.25 6.79 -9.03
N ALA D 199 -11.38 6.36 -9.57
CA ALA D 199 -12.57 6.14 -8.74
C ALA D 199 -12.90 4.66 -8.80
N VAL D 200 -12.91 4.02 -7.63
CA VAL D 200 -13.28 2.61 -7.57
C VAL D 200 -14.76 2.55 -7.37
N ASN D 201 -15.46 1.92 -8.33
CA ASN D 201 -16.90 1.92 -8.35
C ASN D 201 -17.45 0.62 -7.74
N LYS D 202 -18.76 0.57 -7.58
CA LYS D 202 -19.45 -0.54 -6.87
C LYS D 202 -19.11 -0.60 -5.38
N ALA D 203 -18.85 0.56 -4.79
CA ALA D 203 -18.62 0.65 -3.35
C ALA D 203 -19.95 0.65 -2.59
N ASP D 204 -20.81 -0.32 -2.87
CA ASP D 204 -22.17 -0.33 -2.34
C ASP D 204 -22.21 -0.54 -0.82
N ASP D 205 -23.37 -0.32 -0.22
CA ASP D 205 -23.62 -0.78 1.15
C ASP D 205 -23.34 -2.28 1.26
N GLY D 206 -22.55 -2.64 2.27
CA GLY D 206 -22.18 -4.05 2.48
C GLY D 206 -20.75 -4.30 2.07
N ASP D 207 -20.50 -5.47 1.49
CA ASP D 207 -19.16 -5.89 1.07
C ASP D 207 -18.54 -4.92 0.06
N GLY D 208 -19.39 -4.31 -0.76
CA GLY D 208 -18.95 -3.43 -1.85
C GLY D 208 -18.05 -2.34 -1.32
N GLU D 209 -18.60 -1.51 -0.42
CA GLU D 209 -17.88 -0.40 0.18
C GLU D 209 -16.63 -0.89 0.88
N ARG D 210 -16.68 -2.09 1.45
CA ARG D 210 -15.50 -2.64 2.13
C ARG D 210 -14.39 -3.06 1.16
N ARG D 211 -14.72 -3.89 0.18
CA ARG D 211 -13.73 -4.32 -0.82
C ARG D 211 -13.21 -3.17 -1.69
N ALA D 212 -14.14 -2.32 -2.15
CA ALA D 212 -13.76 -1.15 -2.92
C ALA D 212 -12.79 -0.28 -2.12
N SER D 213 -13.05 -0.11 -0.81
CA SER D 213 -12.14 0.73 -0.02
C SER D 213 -10.78 0.08 0.08
N ALA D 214 -10.78 -1.25 0.11
CA ALA D 214 -9.54 -1.99 0.23
C ALA D 214 -8.74 -1.85 -1.04
N ALA D 215 -9.37 -2.09 -2.19
CA ALA D 215 -8.78 -1.76 -3.51
C ALA D 215 -8.21 -0.36 -3.56
N ALA D 216 -8.99 0.63 -3.14
CA ALA D 216 -8.59 2.04 -3.24
C ALA D 216 -7.33 2.30 -2.45
N SER D 217 -7.28 1.75 -1.24
CA SER D 217 -6.10 1.89 -0.39
C SER D 217 -4.82 1.29 -1.01
N GLU D 218 -4.93 0.18 -1.72
CA GLU D 218 -3.75 -0.40 -2.44
C GLU D 218 -3.29 0.54 -3.58
N TYR D 219 -4.22 1.07 -4.38
CA TYR D 219 -3.86 2.07 -5.39
C TYR D 219 -3.26 3.30 -4.75
N ARG D 220 -3.90 3.78 -3.68
CA ARG D 220 -3.45 4.98 -2.98
C ARG D 220 -2.05 4.82 -2.43
N ALA D 221 -1.75 3.69 -1.81
CA ALA D 221 -0.39 3.54 -1.21
C ALA D 221 0.69 3.37 -2.30
N ALA D 222 0.39 2.63 -3.36
CA ALA D 222 1.34 2.57 -4.49
C ALA D 222 1.55 3.95 -5.15
N LEU D 223 0.48 4.69 -5.40
CA LEU D 223 0.62 6.04 -5.95
C LEU D 223 1.49 6.96 -5.11
N HIS D 224 1.48 6.77 -3.79
CA HIS D 224 2.25 7.62 -2.88
C HIS D 224 3.75 7.45 -3.08
N ILE D 225 4.15 6.29 -3.59
CA ILE D 225 5.54 6.06 -3.95
C ILE D 225 5.95 6.86 -5.20
N LEU D 226 5.12 6.79 -6.23
CA LEU D 226 5.36 7.50 -7.49
C LEU D 226 4.88 8.96 -7.34
N THR D 227 5.52 9.75 -6.48
CA THR D 227 4.90 11.03 -6.08
C THR D 227 5.74 11.92 -5.18
N PRO D 228 5.74 13.25 -5.45
CA PRO D 228 6.20 14.30 -4.53
C PRO D 228 5.05 15.07 -3.84
N PRO D 229 5.39 16.01 -2.92
CA PRO D 229 4.40 16.95 -2.36
C PRO D 229 4.10 18.13 -3.30
N SER D 230 5.10 18.54 -4.09
CA SER D 230 4.92 19.57 -5.11
C SER D 230 4.14 18.98 -6.29
N ALA D 231 4.33 19.55 -7.49
CA ALA D 231 3.42 19.33 -8.63
C ALA D 231 2.09 19.98 -8.28
N THR D 232 1.42 20.52 -9.29
CA THR D 232 0.19 21.24 -8.99
C THR D 232 -0.88 20.26 -8.52
N TRP D 233 -0.79 19.01 -9.00
CA TRP D 233 -1.83 18.01 -8.81
C TRP D 233 -1.32 16.63 -8.56
N THR D 234 -1.71 16.02 -7.45
CA THR D 234 -1.51 14.57 -7.32
C THR D 234 -2.84 13.82 -7.41
N PRO D 235 -2.87 12.74 -8.19
CA PRO D 235 -4.16 12.07 -8.35
C PRO D 235 -4.72 11.44 -7.06
N PRO D 236 -5.93 11.81 -6.68
CA PRO D 236 -6.64 11.11 -5.62
C PRO D 236 -7.17 9.75 -6.05
N VAL D 237 -7.34 8.88 -5.06
CA VAL D 237 -8.10 7.64 -5.25
C VAL D 237 -9.34 7.75 -4.36
N VAL D 238 -10.51 7.48 -4.93
CA VAL D 238 -11.75 7.62 -4.16
C VAL D 238 -12.60 6.41 -4.45
N THR D 239 -13.65 6.19 -3.66
CA THR D 239 -14.67 5.19 -3.99
C THR D 239 -15.99 5.86 -4.27
N ILE D 240 -16.74 5.23 -5.20
CA ILE D 240 -18.10 5.67 -5.54
C ILE D 240 -19.02 4.50 -5.78
N SER D 241 -20.32 4.79 -5.78
CA SER D 241 -21.29 3.88 -6.35
C SER D 241 -22.16 4.65 -7.33
N GLY D 242 -21.89 4.45 -8.61
CA GLY D 242 -22.66 5.08 -9.63
C GLY D 242 -24.10 4.68 -9.54
N LEU D 243 -24.34 3.41 -9.23
CA LEU D 243 -25.70 2.90 -9.16
C LEU D 243 -26.49 3.54 -8.01
N HIS D 244 -25.90 3.64 -6.83
CA HIS D 244 -26.66 4.11 -5.67
C HIS D 244 -26.47 5.55 -5.31
N GLY D 245 -25.77 6.30 -6.17
CA GLY D 245 -25.55 7.74 -5.95
C GLY D 245 -24.45 8.12 -4.97
N LYS D 246 -23.50 7.22 -4.73
CA LYS D 246 -22.57 7.37 -3.61
C LYS D 246 -21.24 8.04 -4.01
N GLY D 247 -20.79 9.05 -3.26
CA GLY D 247 -19.46 9.63 -3.47
C GLY D 247 -19.26 10.52 -4.70
N LEU D 248 -20.34 10.81 -5.40
CA LEU D 248 -20.26 11.57 -6.63
C LEU D 248 -20.02 13.08 -6.41
N ASP D 249 -20.55 13.65 -5.33
CA ASP D 249 -20.32 15.06 -5.01
C ASP D 249 -18.85 15.26 -4.66
N SER D 250 -18.33 14.38 -3.81
CA SER D 250 -16.93 14.45 -3.40
C SER D 250 -16.02 14.34 -4.60
N LEU D 251 -16.32 13.39 -5.47
CA LEU D 251 -15.58 13.24 -6.73
C LEU D 251 -15.55 14.54 -7.54
N TRP D 252 -16.71 15.17 -7.68
CA TRP D 252 -16.79 16.37 -8.47
C TRP D 252 -16.01 17.50 -7.88
N SER D 253 -16.14 17.74 -6.59
CA SER D 253 -15.33 18.80 -5.93
C SER D 253 -13.85 18.68 -6.17
N ARG D 254 -13.36 17.44 -6.29
CA ARG D 254 -11.93 17.24 -6.61
C ARG D 254 -11.59 17.70 -8.05
N ILE D 255 -12.49 17.43 -8.99
CA ILE D 255 -12.30 17.90 -10.36
C ILE D 255 -12.36 19.43 -10.37
N GLU D 256 -13.26 20.03 -9.58
CA GLU D 256 -13.28 21.51 -9.40
C GLU D 256 -12.01 22.06 -8.73
N ASP D 257 -11.45 21.35 -7.76
CA ASP D 257 -10.21 21.82 -7.13
CA ASP D 257 -10.17 21.74 -7.11
C ASP D 257 -9.05 21.80 -8.13
N HIS D 258 -8.98 20.74 -8.92
CA HIS D 258 -8.05 20.63 -10.02
C HIS D 258 -8.21 21.77 -11.01
N ARG D 259 -9.43 22.02 -11.46
CA ARG D 259 -9.67 23.15 -12.35
C ARG D 259 -9.11 24.46 -11.79
N SER D 260 -9.43 24.76 -10.54
CA SER D 260 -8.94 25.98 -9.91
C SER D 260 -7.41 26.01 -9.81
N LYS D 261 -6.81 24.92 -9.34
CA LYS D 261 -5.36 24.87 -9.23
C LYS D 261 -4.66 25.06 -10.57
N LEU D 262 -5.07 24.32 -11.60
CA LEU D 262 -4.37 24.41 -12.88
C LEU D 262 -4.72 25.67 -13.71
N THR D 263 -5.81 26.39 -13.37
CA THR D 263 -6.11 27.68 -14.01
C THR D 263 -5.13 28.77 -13.50
N ALA D 264 -4.96 28.86 -12.18
CA ALA D 264 -4.01 29.80 -11.56
C ALA D 264 -2.57 29.67 -12.11
N THR D 265 -2.16 28.44 -12.45
CA THR D 265 -0.84 28.20 -13.02
C THR D 265 -0.82 28.37 -14.54
N GLY D 266 -2.00 28.53 -15.15
CA GLY D 266 -2.10 28.66 -16.59
C GLY D 266 -1.96 27.33 -17.33
N GLU D 267 -1.94 26.20 -16.62
CA GLU D 267 -1.67 24.89 -17.25
C GLU D 267 -2.89 24.29 -18.03
N ILE D 268 -4.10 24.64 -17.65
CA ILE D 268 -5.29 24.22 -18.42
C ILE D 268 -5.23 24.84 -19.81
N ALA D 269 -5.12 26.16 -19.89
CA ALA D 269 -4.95 26.85 -21.18
C ALA D 269 -3.78 26.27 -21.94
N GLY D 270 -2.65 26.11 -21.25
CA GLY D 270 -1.44 25.50 -21.84
C GLY D 270 -1.65 24.12 -22.48
N LYS D 271 -2.43 23.27 -21.82
CA LYS D 271 -2.69 21.93 -22.31
C LYS D 271 -3.61 21.98 -23.50
N ARG D 272 -4.58 22.89 -23.46
CA ARG D 272 -5.54 23.02 -24.54
C ARG D 272 -4.87 23.44 -25.85
N ARG D 273 -3.90 24.36 -25.75
CA ARG D 273 -3.12 24.79 -26.92
C ARG D 273 -2.42 23.60 -27.57
N GLU D 274 -1.77 22.76 -26.77
CA GLU D 274 -1.07 21.60 -27.32
C GLU D 274 -2.06 20.59 -27.92
N GLN D 275 -3.18 20.38 -27.25
CA GLN D 275 -4.22 19.51 -27.78
C GLN D 275 -4.74 19.98 -29.15
N ASP D 276 -5.05 21.26 -29.27
CA ASP D 276 -5.66 21.76 -30.52
C ASP D 276 -4.75 21.57 -31.71
N VAL D 277 -3.44 21.81 -31.49
CA VAL D 277 -2.45 21.59 -32.52
C VAL D 277 -2.39 20.11 -32.91
N LYS D 278 -2.44 19.24 -31.91
CA LYS D 278 -2.43 17.82 -32.15
C LYS D 278 -3.63 17.39 -32.98
N TRP D 279 -4.82 17.91 -32.67
CA TRP D 279 -6.01 17.65 -33.50
C TRP D 279 -5.94 18.24 -34.87
N MET D 280 -5.26 19.37 -35.05
CA MET D 280 -5.05 19.93 -36.42
C MET D 280 -4.24 18.94 -37.23
N TRP D 281 -3.08 18.53 -36.70
CA TRP D 281 -2.24 17.53 -37.40
C TRP D 281 -2.96 16.22 -37.64
N ALA D 282 -3.82 15.80 -36.70
CA ALA D 282 -4.61 14.56 -36.91
C ALA D 282 -5.62 14.66 -38.05
N LEU D 283 -6.20 15.84 -38.22
CA LEU D 283 -7.05 16.05 -39.40
C LEU D 283 -6.20 16.10 -40.67
N VAL D 284 -5.03 16.71 -40.60
CA VAL D 284 -4.14 16.72 -41.77
C VAL D 284 -3.94 15.25 -42.18
N HIS D 285 -3.55 14.41 -41.22
CA HIS D 285 -3.29 13.01 -41.44
C HIS D 285 -4.50 12.23 -41.85
N GLU D 286 -5.67 12.59 -41.32
CA GLU D 286 -6.91 12.00 -41.78
C GLU D 286 -7.17 12.30 -43.27
N ARG D 287 -6.94 13.53 -43.69
CA ARG D 287 -7.15 13.89 -45.11
C ARG D 287 -6.16 13.09 -45.99
N LEU D 288 -4.96 12.86 -45.48
CA LEU D 288 -3.99 12.05 -46.19
C LEU D 288 -4.52 10.62 -46.31
N HIS D 289 -5.12 10.12 -45.25
CA HIS D 289 -5.65 8.76 -45.25
C HIS D 289 -6.83 8.57 -46.20
N GLN D 290 -7.68 9.59 -46.28
CA GLN D 290 -8.78 9.59 -47.26
C GLN D 290 -8.27 9.48 -48.70
N ARG D 291 -7.12 10.09 -48.99
CA ARG D 291 -6.54 10.02 -50.33
C ARG D 291 -6.05 8.59 -50.59
N LEU D 292 -5.40 8.00 -49.60
CA LEU D 292 -4.87 6.64 -49.76
C LEU D 292 -5.95 5.57 -49.81
N VAL D 293 -7.18 5.95 -49.50
CA VAL D 293 -8.31 5.02 -49.53
C VAL D 293 -9.40 5.52 -50.50
N GLY D 294 -9.04 6.47 -51.35
CA GLY D 294 -9.98 7.09 -52.29
C GLY D 294 -10.46 6.16 -53.39
N SER D 295 -9.58 5.30 -53.90
CA SER D 295 -9.95 4.29 -54.89
C SER D 295 -9.49 2.90 -54.46
N ALA D 296 -10.08 1.89 -55.08
CA ALA D 296 -9.76 0.48 -54.83
C ALA D 296 -8.34 0.16 -55.21
N GLU D 297 -7.94 0.69 -56.35
CA GLU D 297 -6.58 0.60 -56.85
C GLU D 297 -5.60 1.07 -55.73
N VAL D 298 -5.86 2.25 -55.16
CA VAL D 298 -4.96 2.84 -54.16
C VAL D 298 -5.11 2.20 -52.78
N ARG D 299 -6.31 1.78 -52.42
CA ARG D 299 -6.56 1.13 -51.14
C ARG D 299 -5.79 -0.20 -51.10
N GLN D 300 -5.81 -0.91 -52.22
CA GLN D 300 -5.18 -2.23 -52.34
C GLN D 300 -3.66 -2.10 -52.26
N ALA D 301 -3.12 -1.09 -52.92
CA ALA D 301 -1.68 -0.90 -52.94
C ALA D 301 -1.17 -0.44 -51.58
N THR D 302 -1.92 0.46 -50.93
CA THR D 302 -1.62 0.90 -49.57
C THR D 302 -1.51 -0.33 -48.65
N ALA D 303 -2.55 -1.18 -48.69
CA ALA D 303 -2.65 -2.40 -47.84
C ALA D 303 -1.53 -3.37 -48.13
N GLU D 304 -1.13 -3.47 -49.40
CA GLU D 304 0.01 -4.30 -49.74
C GLU D 304 1.31 -3.74 -49.19
N ALA D 305 1.47 -2.41 -49.25
CA ALA D 305 2.71 -1.84 -48.76
C ALA D 305 2.81 -2.09 -47.26
N GLU D 306 1.71 -1.87 -46.55
CA GLU D 306 1.71 -2.01 -45.11
C GLU D 306 1.93 -3.48 -44.72
N ARG D 307 1.33 -4.40 -45.48
CA ARG D 307 1.54 -5.86 -45.22
C ARG D 307 2.97 -6.30 -45.51
N ALA D 308 3.56 -5.75 -46.57
CA ALA D 308 4.97 -5.98 -46.83
C ALA D 308 5.81 -5.66 -45.61
N VAL D 309 5.52 -4.54 -44.94
CA VAL D 309 6.36 -4.09 -43.80
C VAL D 309 6.18 -5.01 -42.59
N ALA D 310 4.90 -5.23 -42.29
CA ALA D 310 4.45 -6.10 -41.22
C ALA D 310 4.96 -7.54 -41.36
N GLY D 311 5.12 -8.02 -42.60
CA GLY D 311 5.59 -9.39 -42.86
C GLY D 311 7.09 -9.52 -42.78
N GLY D 312 7.78 -8.40 -42.63
CA GLY D 312 9.24 -8.39 -42.67
C GLY D 312 9.81 -8.65 -44.06
N GLU D 313 9.01 -8.40 -45.09
CA GLU D 313 9.41 -8.68 -46.48
C GLU D 313 10.09 -7.46 -47.08
N HIS D 314 9.62 -6.27 -46.67
CA HIS D 314 10.22 -5.00 -47.03
C HIS D 314 10.34 -4.11 -45.80
N SER D 315 11.31 -3.21 -45.81
CA SER D 315 11.60 -2.41 -44.63
C SER D 315 10.59 -1.28 -44.45
N PRO D 316 10.45 -0.77 -43.22
CA PRO D 316 9.55 0.37 -43.02
C PRO D 316 9.70 1.47 -44.09
N ALA D 317 10.93 1.89 -44.39
CA ALA D 317 11.15 3.00 -45.32
C ALA D 317 10.79 2.60 -46.76
N ALA D 318 11.02 1.35 -47.14
CA ALA D 318 10.56 0.89 -48.44
C ALA D 318 9.05 0.96 -48.51
N GLY D 319 8.37 0.53 -47.43
CA GLY D 319 6.91 0.62 -47.35
C GLY D 319 6.46 2.06 -47.50
N ALA D 320 7.20 2.98 -46.87
CA ALA D 320 6.85 4.41 -46.88
C ALA D 320 7.02 5.03 -48.26
N ASP D 321 8.12 4.71 -48.95
CA ASP D 321 8.38 5.16 -50.33
C ASP D 321 7.26 4.70 -51.26
N ALA D 322 6.84 3.43 -51.14
CA ALA D 322 5.71 2.96 -51.95
C ALA D 322 4.43 3.78 -51.69
N ILE D 323 4.11 4.05 -50.43
CA ILE D 323 2.96 4.90 -50.11
C ILE D 323 3.13 6.35 -50.58
N ALA D 324 4.32 6.94 -50.40
CA ALA D 324 4.60 8.30 -50.93
C ALA D 324 4.25 8.43 -52.40
N THR D 325 4.60 7.41 -53.16
CA THR D 325 4.37 7.39 -54.59
C THR D 325 2.89 7.36 -54.92
N LEU D 326 2.10 6.60 -54.17
CA LEU D 326 0.65 6.56 -54.39
C LEU D 326 -0.03 7.90 -54.15
N ILE D 327 0.61 8.82 -53.42
CA ILE D 327 0.04 10.14 -53.17
C ILE D 327 -0.05 10.93 -54.46
PB GDP E . -20.36 0.09 -18.51
O1B GDP E . -21.03 1.29 -19.12
O2B GDP E . -20.27 -1.07 -19.43
O3B GDP E . -19.02 0.37 -17.82
O3A GDP E . -21.24 -0.34 -17.23
PA GDP E . -22.83 -0.22 -17.02
O1A GDP E . -23.55 -0.71 -18.24
O2A GDP E . -23.16 1.16 -16.49
O5' GDP E . -23.11 -1.23 -15.80
C5' GDP E . -22.81 -2.62 -15.87
C4' GDP E . -23.50 -3.40 -14.76
O4' GDP E . -22.93 -3.02 -13.48
C3' GDP E . -25.00 -3.15 -14.74
O3' GDP E . -25.78 -4.35 -14.51
C2' GDP E . -25.09 -2.09 -13.65
O2' GDP E . -26.34 -2.00 -13.01
C1' GDP E . -23.98 -2.49 -12.68
N9 GDP E . -23.50 -1.33 -11.92
C8 GDP E . -23.15 -0.12 -12.40
N7 GDP E . -22.73 0.68 -11.38
C5 GDP E . -22.82 -0.01 -10.23
C6 GDP E . -22.53 0.24 -8.80
O6 GDP E . -22.11 1.35 -8.36
N1 GDP E . -22.77 -0.78 -7.97
C2 GDP E . -23.23 -1.99 -8.39
N2 GDP E . -23.43 -2.98 -7.50
N3 GDP E . -23.48 -2.30 -9.67
C4 GDP E . -23.32 -1.35 -10.61
H5' GDP E . -21.85 -2.76 -15.82
H5'' GDP E . -23.09 -2.97 -16.74
H4' GDP E . -23.36 -4.34 -14.92
H3' GDP E . -25.38 -2.85 -15.58
HO3' GDP E . -26.42 -4.18 -14.00
H2' GDP E . -24.98 -1.20 -14.02
HO2' GDP E . -26.32 -1.40 -12.42
H1' GDP E . -24.30 -3.13 -12.03
H8 GDP E . -23.18 0.14 -13.32
HN1 GDP E . -22.61 -0.66 -7.13
HN21 GDP E . -23.27 -2.84 -6.66
HN22 GDP E . -23.73 -3.74 -7.75
#